data_9BFG
#
_entry.id   9BFG
#
_cell.length_a   216.381
_cell.length_b   216.381
_cell.length_c   59.758
_cell.angle_alpha   90.000
_cell.angle_beta   90.000
_cell.angle_gamma   120.000
#
_symmetry.space_group_name_H-M   'P 63'
#
loop_
_entity.id
_entity.type
_entity.pdbx_description
1 polymer 'Tyrocidine synthase 1'
2 non-polymer 'SULFATE ION'
3 non-polymer '2-(N-MORPHOLINO)-ETHANESULFONIC ACID'
4 non-polymer GLYCEROL
5 non-polymer N~3~-[(2R)-2-hydroxy-3,3-dimethyl-4-(phosphonooxy)butanoyl]-N-pentyl-beta-alaninamide
6 water water
#
_entity_poly.entity_id   1
_entity_poly.type   'polypeptide(L)'
_entity_poly.pdbx_seq_one_letter_code
;MVPDLTANQSQAAYHPPRTETESILVSIWQNVLGIEKIGIRDNFYSLGGDSIQAIQVVARLHSYQLKLETKDLLNYPTIE
QVALFVKSTTRKSDQGIIAGNVPLTPIQKWFFGKNFTNTGHWNQSSVLYRPEGFDPKVIQSVMDKIIEHHDALRMVYQHE
NGNVVQHNRGLGGQLYDFFSYNLTAQPDVQQAIEAETQRLHSSMNLQEGPLVKVALFQTLHGDHLFLAIHHLVVDGISWR
ILFEDLATGYAQALAGQAISLPEKTDSFQSWSQWLQEYANEADLLSEIPYWESLESQAKNVSLPKDYEVTDCKQKSVRNM
RIRLHPEETEQLLKHANQAYQTEINDLLLAALGLAFAEWSKLAQIVIHLAGHGREDIIEQANVARTVGWFTSQYPVLLDL
KQTAPLSDYIKLTKENMRKIPRKGIGYDILKHVTLPENRGSLSFRVQPEVTFNYLGQFDADMRTELFTRSPYSGGNTLGA
DGKNNLSPESEVYTALNITGLIEGGELVLTFSYSSEQYREESIQQLSQSYQKHLLAIIAHCTEKKGSRSHHHHHH
;
_entity_poly.pdbx_strand_id   A,B
#
# COMPACT_ATOMS: atom_id res chain seq x y z
N GLN A 11 -9.44 -34.83 7.91
CA GLN A 11 -8.33 -35.33 7.04
C GLN A 11 -7.82 -36.65 7.64
N ALA A 12 -7.32 -36.59 8.87
CA ALA A 12 -6.79 -37.72 9.68
C ALA A 12 -6.58 -37.22 11.10
N ALA A 13 -6.72 -38.07 12.10
CA ALA A 13 -6.75 -37.65 13.52
C ALA A 13 -5.31 -37.34 13.97
N TYR A 14 -5.15 -36.37 14.87
CA TYR A 14 -3.84 -36.06 15.49
C TYR A 14 -3.26 -37.35 16.09
N HIS A 15 -2.04 -37.68 15.69
CA HIS A 15 -1.17 -38.71 16.31
C HIS A 15 0.14 -38.06 16.70
N PRO A 16 0.55 -38.12 17.99
CA PRO A 16 1.78 -37.46 18.42
C PRO A 16 3.00 -38.24 17.93
N PRO A 17 4.18 -37.59 17.83
CA PRO A 17 5.41 -38.30 17.50
C PRO A 17 5.79 -39.26 18.64
N ARG A 18 6.52 -40.32 18.32
CA ARG A 18 6.82 -41.46 19.24
C ARG A 18 8.30 -41.84 19.14
N THR A 19 9.06 -41.21 18.25
CA THR A 19 10.52 -41.46 18.06
C THR A 19 11.22 -40.10 18.00
N GLU A 20 12.53 -40.11 18.18
CA GLU A 20 13.35 -38.89 18.03
C GLU A 20 13.11 -38.34 16.62
N THR A 21 13.28 -39.18 15.60
CA THR A 21 13.17 -38.82 14.18
C THR A 21 11.80 -38.19 13.92
N GLU A 22 10.71 -38.80 14.38
CA GLU A 22 9.35 -38.25 14.15
C GLU A 22 9.22 -36.85 14.80
N SER A 23 9.74 -36.70 16.01
CA SER A 23 9.54 -35.47 16.82
C SER A 23 10.37 -34.36 16.15
N ILE A 24 11.55 -34.67 15.60
CA ILE A 24 12.35 -33.71 14.79
C ILE A 24 11.61 -33.32 13.49
N LEU A 25 11.06 -34.28 12.77
CA LEU A 25 10.20 -34.03 11.58
C LEU A 25 8.99 -33.18 11.96
N VAL A 26 8.30 -33.45 13.07
CA VAL A 26 7.14 -32.61 13.48
C VAL A 26 7.62 -31.16 13.64
N SER A 27 8.76 -30.95 14.29
CA SER A 27 9.31 -29.62 14.61
C SER A 27 9.66 -28.91 13.31
N ILE A 28 10.38 -29.60 12.43
CA ILE A 28 10.72 -29.06 11.10
C ILE A 28 9.44 -28.70 10.34
N TRP A 29 8.47 -29.62 10.26
CA TRP A 29 7.24 -29.37 9.46
C TRP A 29 6.50 -28.19 10.06
N GLN A 30 6.41 -28.07 11.38
CA GLN A 30 5.62 -26.96 11.99
C GLN A 30 6.25 -25.63 11.55
N ASN A 31 7.57 -25.57 11.58
CA ASN A 31 8.38 -24.40 11.18
C ASN A 31 8.17 -24.04 9.70
N VAL A 32 8.48 -24.98 8.82
CA VAL A 32 8.45 -24.74 7.35
C VAL A 32 7.02 -24.37 6.93
N LEU A 33 6.04 -25.12 7.38
CA LEU A 33 4.61 -24.80 7.13
C LEU A 33 4.28 -23.76 8.21
N GLY A 34 3.15 -23.10 8.17
CA GLY A 34 2.99 -22.07 9.23
C GLY A 34 2.16 -22.59 10.37
N ILE A 35 2.38 -23.83 10.82
CA ILE A 35 1.30 -24.62 11.48
C ILE A 35 1.75 -25.08 12.86
N GLU A 36 0.88 -24.88 13.86
CA GLU A 36 1.22 -24.87 15.30
C GLU A 36 1.27 -26.31 15.79
N LYS A 37 0.41 -27.18 15.28
CA LYS A 37 0.37 -28.58 15.79
C LYS A 37 0.12 -29.50 14.60
N ILE A 38 1.14 -30.28 14.25
CA ILE A 38 1.12 -31.26 13.15
C ILE A 38 1.19 -32.64 13.79
N GLY A 39 0.28 -33.53 13.42
CA GLY A 39 0.36 -34.96 13.75
C GLY A 39 1.17 -35.74 12.73
N ILE A 40 1.60 -36.95 13.10
CA ILE A 40 2.45 -37.79 12.22
C ILE A 40 1.63 -38.47 11.12
N ARG A 41 0.31 -38.28 11.04
CA ARG A 41 -0.51 -38.81 9.91
C ARG A 41 -1.09 -37.65 9.09
N ASP A 42 -0.74 -36.43 9.41
CA ASP A 42 -1.15 -35.24 8.62
C ASP A 42 -0.40 -35.25 7.28
N ASN A 43 -1.11 -34.95 6.21
CA ASN A 43 -0.58 -35.06 4.82
C ASN A 43 0.08 -33.72 4.43
N PHE A 44 1.32 -33.78 3.94
CA PHE A 44 2.18 -32.59 3.69
C PHE A 44 1.45 -31.62 2.75
N TYR A 45 0.82 -32.16 1.72
CA TYR A 45 0.11 -31.35 0.69
C TYR A 45 -1.16 -30.74 1.27
N SER A 46 -1.87 -31.46 2.12
CA SER A 46 -3.09 -30.92 2.79
C SER A 46 -2.77 -29.81 3.79
N LEU A 47 -1.55 -29.77 4.29
CA LEU A 47 -1.07 -28.64 5.10
C LEU A 47 -0.62 -27.48 4.21
N GLY A 48 -0.63 -27.65 2.89
CA GLY A 48 -0.29 -26.59 1.93
C GLY A 48 1.14 -26.69 1.43
N GLY A 49 1.78 -27.84 1.69
CA GLY A 49 3.16 -28.10 1.25
C GLY A 49 3.28 -28.14 -0.25
N ASP A 50 4.45 -27.72 -0.76
CA ASP A 50 4.81 -27.86 -2.19
C ASP A 50 6.27 -28.30 -2.26
N SER A 51 6.82 -28.43 -3.47
CA SER A 51 8.20 -28.94 -3.63
C SER A 51 9.22 -27.97 -2.98
N ILE A 52 8.91 -26.68 -2.88
CA ILE A 52 9.84 -25.72 -2.24
C ILE A 52 9.88 -26.04 -0.75
N GLN A 53 8.72 -26.22 -0.13
CA GLN A 53 8.64 -26.54 1.31
C GLN A 53 9.30 -27.91 1.54
N ALA A 54 9.18 -28.85 0.61
CA ALA A 54 9.85 -30.15 0.73
C ALA A 54 11.37 -29.96 0.79
N ILE A 55 11.91 -29.12 -0.10
CA ILE A 55 13.37 -28.77 -0.10
C ILE A 55 13.73 -28.16 1.24
N GLN A 56 12.87 -27.30 1.77
CA GLN A 56 13.15 -26.64 3.07
C GLN A 56 13.19 -27.65 4.22
N VAL A 57 12.33 -28.65 4.22
CA VAL A 57 12.35 -29.76 5.22
C VAL A 57 13.67 -30.50 5.08
N VAL A 58 14.06 -30.82 3.87
CA VAL A 58 15.30 -31.59 3.59
C VAL A 58 16.52 -30.81 4.08
N ALA A 59 16.58 -29.52 3.78
CA ALA A 59 17.65 -28.59 4.25
C ALA A 59 17.72 -28.58 5.78
N ARG A 60 16.59 -28.46 6.45
CA ARG A 60 16.60 -28.40 7.94
C ARG A 60 17.06 -29.75 8.51
N LEU A 61 16.59 -30.86 7.94
CA LEU A 61 16.99 -32.25 8.37
C LEU A 61 18.51 -32.38 8.30
N HIS A 62 19.11 -31.85 7.23
CA HIS A 62 20.56 -31.88 7.00
C HIS A 62 21.27 -31.32 8.24
N SER A 63 20.66 -30.36 8.95
CA SER A 63 21.31 -29.70 10.10
C SER A 63 21.24 -30.61 11.33
N TYR A 64 20.48 -31.69 11.28
CA TYR A 64 20.49 -32.75 12.33
C TYR A 64 21.35 -33.93 11.85
N GLN A 65 22.08 -33.80 10.74
CA GLN A 65 22.85 -34.91 10.14
C GLN A 65 21.87 -36.03 9.77
N LEU A 66 20.70 -35.68 9.27
CA LEU A 66 19.69 -36.61 8.76
C LEU A 66 19.47 -36.27 7.29
N LYS A 67 19.31 -37.30 6.47
CA LYS A 67 19.26 -37.21 5.00
C LYS A 67 17.85 -37.63 4.56
N LEU A 68 17.29 -36.90 3.62
CA LEU A 68 16.03 -37.24 2.92
C LEU A 68 16.15 -36.54 1.56
N GLU A 69 15.58 -37.13 0.54
CA GLU A 69 15.46 -36.49 -0.79
C GLU A 69 14.05 -35.90 -0.84
N THR A 70 13.88 -34.83 -1.61
CA THR A 70 12.59 -34.13 -1.87
C THR A 70 11.54 -35.16 -2.28
N LYS A 71 11.92 -36.11 -3.13
CA LYS A 71 11.06 -37.19 -3.68
C LYS A 71 10.44 -38.01 -2.54
N ASP A 72 11.24 -38.39 -1.55
CA ASP A 72 10.78 -39.27 -0.44
C ASP A 72 9.54 -38.66 0.24
N LEU A 73 9.58 -37.35 0.47
CA LEU A 73 8.57 -36.60 1.27
C LEU A 73 7.28 -36.48 0.48
N LEU A 74 7.38 -36.23 -0.81
CA LEU A 74 6.16 -35.94 -1.60
C LEU A 74 5.51 -37.28 -1.99
N ASN A 75 6.27 -38.37 -2.06
CA ASN A 75 5.70 -39.71 -2.35
C ASN A 75 5.16 -40.42 -1.10
N TYR A 76 5.77 -40.21 0.06
CA TYR A 76 5.30 -40.71 1.39
C TYR A 76 4.96 -39.51 2.27
N PRO A 77 3.81 -38.84 2.01
CA PRO A 77 3.56 -37.48 2.50
C PRO A 77 3.09 -37.32 3.95
N THR A 78 3.51 -38.21 4.83
CA THR A 78 3.20 -38.12 6.27
C THR A 78 4.48 -38.44 7.04
N ILE A 79 4.61 -37.86 8.23
CA ILE A 79 5.83 -38.03 9.06
C ILE A 79 5.96 -39.52 9.41
N GLU A 80 4.85 -40.17 9.77
CA GLU A 80 4.83 -41.61 10.13
C GLU A 80 5.44 -42.44 8.99
N GLN A 81 5.06 -42.21 7.73
CA GLN A 81 5.62 -42.95 6.56
C GLN A 81 7.05 -42.51 6.28
N VAL A 82 7.32 -41.20 6.22
CA VAL A 82 8.59 -40.69 5.63
C VAL A 82 9.76 -41.00 6.58
N ALA A 83 9.52 -41.17 7.86
CA ALA A 83 10.58 -41.45 8.87
C ALA A 83 11.38 -42.73 8.53
N LEU A 84 10.79 -43.67 7.76
CA LEU A 84 11.50 -44.91 7.31
C LEU A 84 12.66 -44.51 6.40
N PHE A 85 12.42 -43.60 5.46
CA PHE A 85 13.42 -43.19 4.45
C PHE A 85 14.53 -42.35 5.08
N VAL A 86 14.35 -41.84 6.31
CA VAL A 86 15.35 -40.92 6.97
C VAL A 86 16.58 -41.74 7.32
N LYS A 87 17.71 -41.40 6.74
CA LYS A 87 19.04 -42.01 6.99
C LYS A 87 19.95 -40.96 7.64
N SER A 88 21.06 -41.38 8.24
CA SER A 88 22.17 -40.47 8.64
C SER A 88 22.87 -39.96 7.38
N THR A 89 23.11 -38.65 7.31
CA THR A 89 24.05 -38.04 6.31
C THR A 89 25.38 -38.78 6.44
N THR A 90 25.93 -39.27 5.34
CA THR A 90 27.23 -39.98 5.32
C THR A 90 28.24 -39.10 4.57
N ARG A 91 27.73 -38.11 3.83
CA ARG A 91 28.55 -37.15 3.05
C ARG A 91 28.58 -35.82 3.81
N LYS A 92 29.75 -35.23 4.00
CA LYS A 92 29.91 -33.87 4.53
C LYS A 92 30.23 -32.96 3.33
N SER A 93 29.49 -31.86 3.18
CA SER A 93 29.75 -30.88 2.09
C SER A 93 30.95 -30.01 2.48
N ASP A 94 31.53 -29.33 1.50
CA ASP A 94 32.67 -28.41 1.72
C ASP A 94 32.24 -27.23 2.60
N GLN A 95 32.75 -27.17 3.85
CA GLN A 95 32.40 -26.15 4.86
C GLN A 95 33.37 -24.97 4.78
N GLY A 96 34.40 -25.07 3.94
CA GLY A 96 35.45 -24.03 3.81
C GLY A 96 35.02 -22.90 2.88
N ILE A 97 35.97 -22.00 2.61
CA ILE A 97 35.76 -20.85 1.70
C ILE A 97 35.74 -21.40 0.26
N ILE A 98 34.70 -21.09 -0.51
CA ILE A 98 34.62 -21.46 -1.94
C ILE A 98 35.21 -20.28 -2.71
N ALA A 99 36.14 -20.56 -3.63
CA ALA A 99 36.91 -19.54 -4.38
C ALA A 99 37.20 -20.08 -5.78
N GLY A 100 37.21 -19.23 -6.81
CA GLY A 100 37.67 -19.66 -8.14
C GLY A 100 36.54 -19.72 -9.15
N ASN A 101 36.83 -20.31 -10.30
CA ASN A 101 35.95 -20.29 -11.49
C ASN A 101 34.67 -21.06 -11.20
N VAL A 102 33.57 -20.59 -11.76
CA VAL A 102 32.26 -21.27 -11.68
C VAL A 102 31.71 -21.18 -13.08
N PRO A 103 31.51 -22.32 -13.79
CA PRO A 103 30.94 -22.29 -15.13
C PRO A 103 29.54 -21.66 -15.07
N LEU A 104 29.15 -20.96 -16.12
CA LEU A 104 27.82 -20.36 -16.21
C LEU A 104 26.76 -21.48 -16.24
N THR A 105 25.79 -21.47 -15.34
CA THR A 105 24.70 -22.46 -15.33
C THR A 105 23.74 -22.07 -16.45
N PRO A 106 22.77 -22.92 -16.80
CA PRO A 106 21.87 -22.62 -17.91
C PRO A 106 21.23 -21.21 -17.90
N ILE A 107 20.65 -20.80 -16.76
CA ILE A 107 19.87 -19.55 -16.66
C ILE A 107 20.87 -18.39 -16.77
N GLN A 108 22.09 -18.57 -16.26
CA GLN A 108 23.14 -17.52 -16.33
C GLN A 108 23.52 -17.33 -17.80
N LYS A 109 23.55 -18.41 -18.57
CA LYS A 109 23.90 -18.33 -20.03
C LYS A 109 22.76 -17.63 -20.77
N TRP A 110 21.52 -17.86 -20.37
CA TRP A 110 20.33 -17.16 -20.94
C TRP A 110 20.43 -15.67 -20.63
N PHE A 111 20.71 -15.34 -19.37
CA PHE A 111 20.85 -13.96 -18.89
C PHE A 111 21.85 -13.19 -19.75
N PHE A 112 23.09 -13.66 -19.82
CA PHE A 112 24.21 -12.99 -20.55
C PHE A 112 23.93 -13.02 -22.05
N GLY A 113 23.31 -14.09 -22.54
CA GLY A 113 22.89 -14.24 -23.93
C GLY A 113 21.92 -13.16 -24.35
N LYS A 114 21.09 -12.62 -23.44
CA LYS A 114 20.07 -11.61 -23.79
C LYS A 114 20.75 -10.25 -24.00
N ASN A 115 22.01 -10.12 -23.57
CA ASN A 115 22.73 -8.83 -23.68
C ASN A 115 21.78 -7.69 -23.29
N PHE A 116 21.19 -7.77 -22.09
CA PHE A 116 20.34 -6.70 -21.53
C PHE A 116 21.13 -5.38 -21.39
N THR A 117 20.50 -4.30 -21.83
CA THR A 117 20.98 -2.93 -21.49
C THR A 117 21.02 -2.83 -19.96
N ASN A 118 22.09 -2.28 -19.39
CA ASN A 118 22.28 -2.14 -17.92
C ASN A 118 22.13 -3.51 -17.23
N THR A 119 22.88 -4.51 -17.70
CA THR A 119 22.95 -5.89 -17.20
C THR A 119 23.21 -5.88 -15.69
N GLY A 120 23.92 -4.89 -15.17
CA GLY A 120 24.18 -4.74 -13.72
C GLY A 120 22.93 -4.38 -12.94
N HIS A 121 21.84 -3.99 -13.59
CA HIS A 121 20.59 -3.62 -12.88
C HIS A 121 19.50 -4.65 -13.27
N TRP A 122 19.51 -5.79 -12.60
CA TRP A 122 18.62 -6.93 -12.92
C TRP A 122 18.57 -7.80 -11.68
N ASN A 123 17.75 -7.39 -10.73
CA ASN A 123 17.96 -7.75 -9.31
C ASN A 123 16.71 -8.43 -8.74
N GLN A 124 16.85 -8.92 -7.51
CA GLN A 124 15.71 -9.20 -6.65
C GLN A 124 15.88 -8.39 -5.38
N SER A 125 14.80 -8.10 -4.69
CA SER A 125 14.93 -7.29 -3.46
C SER A 125 13.75 -7.57 -2.55
N SER A 126 13.87 -7.16 -1.30
CA SER A 126 12.77 -7.18 -0.33
C SER A 126 13.09 -6.11 0.71
N VAL A 127 12.08 -5.72 1.47
CA VAL A 127 12.23 -4.86 2.67
C VAL A 127 11.57 -5.56 3.85
N LEU A 128 12.27 -5.58 4.97
CA LEU A 128 11.82 -6.16 6.25
C LEU A 128 11.53 -4.99 7.18
N TYR A 129 10.65 -5.23 8.15
CA TYR A 129 10.28 -4.21 9.16
C TYR A 129 10.42 -4.82 10.54
N ARG A 130 10.96 -4.07 11.47
CA ARG A 130 11.08 -4.44 12.89
C ARG A 130 10.57 -3.29 13.74
N PRO A 131 9.44 -3.50 14.45
CA PRO A 131 8.84 -2.47 15.31
C PRO A 131 9.83 -1.86 16.28
N GLU A 132 10.64 -2.70 16.92
CA GLU A 132 11.64 -2.34 17.95
C GLU A 132 12.88 -1.69 17.31
N GLY A 133 12.97 -1.56 15.99
CA GLY A 133 14.19 -1.04 15.33
C GLY A 133 15.24 -2.13 15.13
N PHE A 134 16.14 -1.91 14.18
CA PHE A 134 17.32 -2.79 13.98
C PHE A 134 18.56 -2.08 14.46
N ASP A 135 19.44 -2.81 15.14
CA ASP A 135 20.79 -2.35 15.53
C ASP A 135 21.72 -2.46 14.33
N PRO A 136 22.28 -1.34 13.81
CA PRO A 136 23.16 -1.38 12.65
C PRO A 136 24.41 -2.23 12.90
N LYS A 137 24.97 -2.24 14.11
CA LYS A 137 26.21 -3.04 14.40
C LYS A 137 25.86 -4.54 14.26
N VAL A 138 24.73 -4.98 14.82
CA VAL A 138 24.24 -6.38 14.72
C VAL A 138 23.99 -6.70 13.23
N ILE A 139 23.26 -5.86 12.50
CA ILE A 139 22.98 -6.13 11.06
C ILE A 139 24.30 -6.40 10.34
N GLN A 140 25.30 -5.57 10.58
CA GLN A 140 26.59 -5.67 9.86
C GLN A 140 27.33 -6.93 10.29
N SER A 141 27.31 -7.27 11.57
CA SER A 141 27.91 -8.53 12.06
C SER A 141 27.22 -9.71 11.37
N VAL A 142 25.91 -9.65 11.21
CA VAL A 142 25.15 -10.85 10.72
C VAL A 142 25.38 -10.95 9.22
N MET A 143 25.36 -9.82 8.51
CA MET A 143 25.55 -9.86 7.05
C MET A 143 26.97 -10.34 6.75
N ASP A 144 27.95 -9.97 7.56
CA ASP A 144 29.34 -10.47 7.41
C ASP A 144 29.30 -12.01 7.38
N LYS A 145 28.72 -12.61 8.41
CA LYS A 145 28.62 -14.09 8.53
C LYS A 145 27.81 -14.66 7.37
N ILE A 146 26.75 -13.99 6.97
CA ILE A 146 25.89 -14.50 5.88
C ILE A 146 26.73 -14.53 4.59
N ILE A 147 27.46 -13.46 4.26
CA ILE A 147 28.16 -13.42 2.94
C ILE A 147 29.40 -14.35 3.02
N GLU A 148 30.00 -14.51 4.19
CA GLU A 148 31.11 -15.49 4.38
C GLU A 148 30.61 -16.93 4.16
N HIS A 149 29.39 -17.22 4.57
CA HIS A 149 28.82 -18.58 4.63
C HIS A 149 28.19 -18.95 3.30
N HIS A 150 27.52 -18.00 2.66
CA HIS A 150 26.77 -18.27 1.41
C HIS A 150 27.63 -17.82 0.23
N ASP A 151 28.54 -18.70 -0.18
CA ASP A 151 29.74 -18.33 -0.98
C ASP A 151 29.32 -17.59 -2.26
N ALA A 152 28.27 -18.02 -2.97
CA ALA A 152 27.92 -17.48 -4.30
C ALA A 152 27.64 -15.98 -4.25
N LEU A 153 27.23 -15.44 -3.12
CA LEU A 153 26.93 -13.98 -2.99
C LEU A 153 28.19 -13.16 -3.30
N ARG A 154 29.38 -13.78 -3.28
CA ARG A 154 30.70 -13.09 -3.46
C ARG A 154 31.14 -13.19 -4.90
N MET A 155 30.26 -13.65 -5.79
CA MET A 155 30.57 -13.80 -7.22
C MET A 155 30.85 -12.43 -7.86
N VAL A 156 31.72 -12.47 -8.88
CA VAL A 156 32.01 -11.37 -9.84
C VAL A 156 32.08 -11.96 -11.25
N TYR A 157 31.87 -11.09 -12.21
CA TYR A 157 31.69 -11.41 -13.63
C TYR A 157 32.69 -10.56 -14.42
N GLN A 158 33.67 -11.23 -15.03
CA GLN A 158 34.85 -10.69 -15.72
C GLN A 158 34.67 -11.00 -17.20
N HIS A 159 35.42 -10.35 -18.08
CA HIS A 159 35.48 -10.69 -19.53
C HIS A 159 36.90 -11.20 -19.86
N GLU A 160 37.00 -12.43 -20.35
CA GLU A 160 38.22 -12.94 -21.06
C GLU A 160 37.80 -13.10 -22.52
N ASN A 161 38.36 -12.28 -23.42
CA ASN A 161 38.23 -12.47 -24.87
C ASN A 161 36.76 -12.36 -25.28
N GLY A 162 36.07 -11.32 -24.80
CA GLY A 162 34.64 -11.08 -25.05
C GLY A 162 33.74 -12.17 -24.45
N ASN A 163 34.30 -13.21 -23.79
CA ASN A 163 33.54 -14.28 -23.09
C ASN A 163 33.39 -13.93 -21.60
N VAL A 164 32.19 -14.10 -21.04
CA VAL A 164 31.95 -13.84 -19.59
C VAL A 164 32.58 -14.96 -18.79
N VAL A 165 33.34 -14.60 -17.76
CA VAL A 165 33.96 -15.55 -16.80
C VAL A 165 33.38 -15.23 -15.42
N GLN A 166 32.79 -16.22 -14.79
CA GLN A 166 32.19 -16.14 -13.44
C GLN A 166 33.24 -16.62 -12.45
N HIS A 167 33.54 -15.80 -11.44
CA HIS A 167 34.57 -16.07 -10.42
C HIS A 167 33.99 -15.89 -9.02
N ASN A 168 34.21 -16.87 -8.14
CA ASN A 168 33.76 -16.83 -6.74
C ASN A 168 34.92 -16.23 -5.95
N ARG A 169 34.74 -15.04 -5.38
CA ARG A 169 35.79 -14.45 -4.52
C ARG A 169 35.86 -15.27 -3.23
N GLY A 170 37.02 -15.22 -2.61
CA GLY A 170 37.24 -15.60 -1.21
C GLY A 170 36.83 -14.46 -0.30
N LEU A 171 37.40 -14.43 0.90
CA LEU A 171 37.07 -13.50 2.00
C LEU A 171 38.05 -12.34 1.93
N GLY A 172 37.84 -11.34 2.78
CA GLY A 172 38.75 -10.20 2.92
C GLY A 172 38.34 -9.00 2.07
N GLY A 173 37.50 -9.17 1.05
CA GLY A 173 37.04 -8.08 0.14
C GLY A 173 35.74 -7.44 0.63
N GLN A 174 35.18 -6.51 -0.14
CA GLN A 174 33.83 -5.94 0.11
C GLN A 174 32.75 -7.04 -0.03
N LEU A 175 32.10 -7.44 1.07
CA LEU A 175 31.09 -8.52 1.09
C LEU A 175 29.71 -7.96 0.68
N TYR A 176 29.42 -6.74 1.09
CA TYR A 176 28.17 -5.99 0.77
C TYR A 176 28.41 -4.49 0.95
N ASP A 177 27.59 -3.66 0.33
CA ASP A 177 27.55 -2.20 0.63
C ASP A 177 26.43 -1.97 1.64
N PHE A 178 26.76 -1.36 2.77
CA PHE A 178 25.82 -1.03 3.87
C PHE A 178 25.53 0.48 3.89
N PHE A 179 24.27 0.84 4.02
CA PHE A 179 23.80 2.25 4.05
C PHE A 179 22.79 2.40 5.19
N SER A 180 22.91 3.49 5.92
CA SER A 180 22.03 3.83 7.06
C SER A 180 21.41 5.20 6.75
N TYR A 181 20.10 5.31 6.87
CA TYR A 181 19.33 6.55 6.65
C TYR A 181 18.51 6.84 7.90
N ASN A 182 18.74 8.02 8.47
CA ASN A 182 17.99 8.52 9.66
C ASN A 182 16.74 9.24 9.18
N LEU A 183 15.56 8.59 9.22
CA LEU A 183 14.29 9.20 8.76
C LEU A 183 13.39 9.51 9.98
N THR A 184 13.96 9.63 11.17
CA THR A 184 13.20 9.66 12.44
C THR A 184 12.49 11.00 12.67
N ALA A 185 12.81 12.02 11.88
CA ALA A 185 12.32 13.41 12.06
C ALA A 185 11.65 13.89 10.77
N GLN A 186 11.09 12.99 9.96
CA GLN A 186 10.33 13.37 8.76
C GLN A 186 9.18 12.39 8.55
N PRO A 187 8.04 12.86 8.01
CA PRO A 187 6.88 11.99 7.80
C PRO A 187 6.88 11.30 6.42
N ASP A 188 7.84 11.60 5.55
CA ASP A 188 7.88 11.04 4.17
C ASP A 188 8.76 9.80 4.11
N VAL A 189 8.67 8.94 5.12
CA VAL A 189 9.36 7.62 5.18
C VAL A 189 9.03 6.81 3.92
N GLN A 190 7.76 6.77 3.49
CA GLN A 190 7.35 5.88 2.39
C GLN A 190 8.06 6.26 1.08
N GLN A 191 7.99 7.52 0.66
CA GLN A 191 8.63 7.92 -0.61
C GLN A 191 10.15 7.95 -0.46
N ALA A 192 10.68 8.28 0.71
CA ALA A 192 12.14 8.27 0.96
C ALA A 192 12.69 6.84 0.75
N ILE A 193 11.99 5.80 1.23
CA ILE A 193 12.43 4.39 1.00
C ILE A 193 12.33 4.07 -0.49
N GLU A 194 11.23 4.47 -1.14
CA GLU A 194 11.06 4.14 -2.58
C GLU A 194 12.23 4.75 -3.37
N ALA A 195 12.59 5.99 -3.07
CA ALA A 195 13.53 6.77 -3.90
C ALA A 195 14.95 6.26 -3.61
N GLU A 196 15.28 6.10 -2.35
CA GLU A 196 16.65 5.66 -2.01
C GLU A 196 16.87 4.22 -2.52
N THR A 197 15.91 3.29 -2.31
CA THR A 197 16.06 1.90 -2.80
C THR A 197 16.25 1.91 -4.31
N GLN A 198 15.51 2.74 -5.07
CA GLN A 198 15.69 2.82 -6.54
C GLN A 198 17.13 3.20 -6.89
N ARG A 199 17.73 4.14 -6.16
CA ARG A 199 19.13 4.56 -6.40
C ARG A 199 20.05 3.38 -6.10
N LEU A 200 19.86 2.69 -4.98
CA LEU A 200 20.74 1.57 -4.57
C LEU A 200 20.69 0.43 -5.58
N HIS A 201 19.52 0.18 -6.18
CA HIS A 201 19.34 -0.86 -7.21
C HIS A 201 20.25 -0.62 -8.41
N SER A 202 20.58 0.66 -8.70
CA SER A 202 21.38 1.09 -9.88
C SER A 202 22.89 0.91 -9.63
N SER A 203 23.30 0.57 -8.41
CA SER A 203 24.70 0.65 -7.96
C SER A 203 25.42 -0.72 -8.03
N MET A 204 24.89 -1.75 -8.70
CA MET A 204 25.57 -3.08 -8.74
C MET A 204 26.80 -3.00 -9.67
N ASN A 205 27.98 -3.32 -9.14
CA ASN A 205 29.22 -3.51 -9.93
C ASN A 205 29.53 -5.01 -10.13
N LEU A 206 29.15 -5.58 -11.27
CA LEU A 206 29.36 -7.02 -11.59
C LEU A 206 30.85 -7.39 -11.65
N GLN A 207 31.74 -6.47 -12.05
CA GLN A 207 33.19 -6.78 -12.23
C GLN A 207 33.87 -6.86 -10.87
N GLU A 208 33.42 -6.08 -9.90
CA GLU A 208 34.26 -5.81 -8.72
C GLU A 208 33.44 -5.98 -7.44
N GLY A 209 32.60 -4.96 -7.19
CA GLY A 209 32.00 -4.57 -5.91
C GLY A 209 31.14 -5.74 -5.56
N PRO A 210 30.47 -5.68 -4.41
CA PRO A 210 29.62 -6.78 -3.98
C PRO A 210 28.30 -6.71 -4.75
N LEU A 211 27.60 -7.84 -4.76
CA LEU A 211 26.31 -7.98 -5.45
C LEU A 211 25.19 -7.91 -4.41
N VAL A 212 25.51 -7.50 -3.18
CA VAL A 212 24.49 -7.38 -2.10
C VAL A 212 24.48 -5.94 -1.60
N LYS A 213 23.28 -5.34 -1.55
CA LYS A 213 23.02 -3.97 -1.04
C LYS A 213 22.12 -4.06 0.18
N VAL A 214 22.54 -3.45 1.28
CA VAL A 214 21.86 -3.50 2.60
C VAL A 214 21.62 -2.07 3.06
N ALA A 215 20.36 -1.66 3.22
CA ALA A 215 20.02 -0.31 3.71
C ALA A 215 19.09 -0.40 4.93
N LEU A 216 19.52 0.20 6.04
CA LEU A 216 18.69 0.45 7.22
C LEU A 216 18.02 1.83 7.13
N PHE A 217 16.70 1.88 7.17
CA PHE A 217 15.90 3.11 7.33
C PHE A 217 15.34 3.18 8.74
N GLN A 218 15.83 4.11 9.55
CA GLN A 218 15.37 4.31 10.94
C GLN A 218 14.27 5.35 10.95
N THR A 219 13.14 5.07 11.61
CA THR A 219 11.96 5.97 11.62
C THR A 219 11.54 6.17 13.08
N LEU A 220 10.66 7.14 13.32
CA LEU A 220 10.04 7.32 14.66
C LEU A 220 9.43 6.02 15.15
N HIS A 221 8.91 5.17 14.26
CA HIS A 221 8.07 4.01 14.64
C HIS A 221 8.54 2.76 13.89
N GLY A 222 9.68 2.24 14.28
CA GLY A 222 10.30 1.02 13.72
C GLY A 222 11.33 1.33 12.64
N ASP A 223 12.08 0.30 12.22
CA ASP A 223 13.13 0.39 11.18
C ASP A 223 12.76 -0.54 10.03
N HIS A 224 13.21 -0.20 8.82
CA HIS A 224 13.10 -1.07 7.64
C HIS A 224 14.50 -1.48 7.20
N LEU A 225 14.64 -2.71 6.72
CA LEU A 225 15.94 -3.22 6.24
C LEU A 225 15.68 -3.60 4.80
N PHE A 226 16.27 -2.84 3.88
CA PHE A 226 16.25 -3.19 2.44
C PHE A 226 17.42 -4.10 2.11
N LEU A 227 17.15 -5.08 1.25
CA LEU A 227 18.15 -6.02 0.71
C LEU A 227 17.89 -6.10 -0.78
N ALA A 228 18.91 -5.85 -1.59
CA ALA A 228 18.87 -6.05 -3.05
C ALA A 228 20.10 -6.87 -3.43
N ILE A 229 19.86 -7.82 -4.32
CA ILE A 229 20.90 -8.80 -4.71
C ILE A 229 20.76 -8.99 -6.21
N HIS A 230 21.86 -8.89 -6.94
CA HIS A 230 21.78 -9.11 -8.40
C HIS A 230 21.24 -10.52 -8.60
N HIS A 231 20.33 -10.73 -9.55
CA HIS A 231 19.73 -12.06 -9.80
C HIS A 231 20.80 -13.13 -10.08
N LEU A 232 22.01 -12.76 -10.50
CA LEU A 232 23.01 -13.75 -10.95
C LEU A 232 23.38 -14.71 -9.81
N VAL A 233 23.22 -14.30 -8.54
CA VAL A 233 23.73 -15.07 -7.38
C VAL A 233 22.58 -15.41 -6.41
N VAL A 234 21.33 -15.34 -6.82
CA VAL A 234 20.21 -15.57 -5.86
C VAL A 234 18.97 -16.04 -6.62
N ASP A 235 18.01 -16.57 -5.87
CA ASP A 235 16.68 -16.99 -6.37
C ASP A 235 15.74 -17.08 -5.17
N GLY A 236 14.50 -17.49 -5.40
CA GLY A 236 13.43 -17.46 -4.39
C GLY A 236 13.72 -18.36 -3.20
N ILE A 237 14.22 -19.56 -3.47
CA ILE A 237 14.63 -20.48 -2.36
C ILE A 237 15.78 -19.82 -1.60
N SER A 238 16.73 -19.24 -2.34
CA SER A 238 17.92 -18.63 -1.71
C SER A 238 17.47 -17.54 -0.73
N TRP A 239 16.48 -16.72 -1.13
CA TRP A 239 15.93 -15.65 -0.27
C TRP A 239 15.41 -16.23 1.04
N ARG A 240 14.70 -17.35 0.96
CA ARG A 240 14.10 -17.97 2.18
C ARG A 240 15.22 -18.42 3.11
N ILE A 241 16.33 -18.90 2.55
CA ILE A 241 17.52 -19.27 3.36
C ILE A 241 18.12 -18.00 3.99
N LEU A 242 18.25 -16.92 3.21
CA LEU A 242 18.86 -15.68 3.73
C LEU A 242 17.98 -15.14 4.85
N PHE A 243 16.65 -15.14 4.70
CA PHE A 243 15.77 -14.61 5.76
C PHE A 243 15.99 -15.44 7.02
N GLU A 244 16.08 -16.76 6.85
CA GLU A 244 16.30 -17.72 7.96
C GLU A 244 17.60 -17.35 8.70
N ASP A 245 18.70 -17.19 7.96
CA ASP A 245 20.04 -16.96 8.57
C ASP A 245 20.11 -15.55 9.15
N LEU A 246 19.35 -14.60 8.59
CA LEU A 246 19.25 -13.23 9.15
C LEU A 246 18.57 -13.29 10.52
N ALA A 247 17.44 -13.99 10.62
CA ALA A 247 16.69 -14.18 11.89
C ALA A 247 17.58 -14.89 12.90
N THR A 248 18.24 -15.98 12.51
CA THR A 248 19.07 -16.79 13.45
C THR A 248 20.22 -15.93 13.98
N GLY A 249 20.97 -15.35 13.06
CA GLY A 249 22.15 -14.57 13.42
C GLY A 249 21.77 -13.40 14.32
N TYR A 250 20.68 -12.70 13.99
CA TYR A 250 20.23 -11.52 14.74
C TYR A 250 19.88 -12.00 16.15
N ALA A 251 19.12 -13.08 16.29
CA ALA A 251 18.73 -13.59 17.64
C ALA A 251 19.99 -14.06 18.41
N GLN A 252 20.98 -14.62 17.71
CA GLN A 252 22.22 -15.08 18.38
C GLN A 252 22.96 -13.87 18.95
N ALA A 253 23.17 -12.80 18.18
CA ALA A 253 23.80 -11.54 18.62
C ALA A 253 23.04 -10.95 19.82
N LEU A 254 21.71 -10.86 19.76
CA LEU A 254 20.87 -10.34 20.87
C LEU A 254 21.13 -11.13 22.15
N ALA A 255 21.26 -12.46 22.07
CA ALA A 255 21.48 -13.35 23.23
C ALA A 255 22.94 -13.33 23.72
N GLY A 256 23.83 -12.59 23.05
CA GLY A 256 25.26 -12.56 23.39
C GLY A 256 25.95 -13.85 22.97
N GLN A 257 25.46 -14.53 21.94
CA GLN A 257 26.04 -15.82 21.48
C GLN A 257 26.77 -15.57 20.17
N ALA A 258 27.73 -16.42 19.81
CA ALA A 258 28.40 -16.32 18.51
C ALA A 258 27.34 -16.46 17.41
N ILE A 259 27.54 -15.73 16.32
CA ILE A 259 26.73 -15.90 15.10
C ILE A 259 27.25 -17.15 14.41
N SER A 260 26.41 -18.15 14.25
CA SER A 260 26.78 -19.50 13.76
C SER A 260 25.62 -20.06 12.92
N LEU A 261 25.83 -20.22 11.61
CA LEU A 261 24.78 -20.62 10.66
C LEU A 261 24.89 -22.11 10.39
N PRO A 262 23.81 -22.81 9.94
CA PRO A 262 23.86 -24.25 9.70
C PRO A 262 24.98 -24.65 8.73
N GLU A 263 25.43 -25.89 8.82
CA GLU A 263 26.36 -26.48 7.84
C GLU A 263 25.97 -26.06 6.41
N LYS A 264 26.96 -25.73 5.58
CA LYS A 264 26.76 -25.53 4.12
C LYS A 264 26.33 -26.83 3.48
N THR A 265 25.48 -26.74 2.49
CA THR A 265 25.28 -27.83 1.52
C THR A 265 26.28 -27.58 0.38
N ASP A 266 26.10 -28.22 -0.78
CA ASP A 266 27.14 -28.18 -1.83
C ASP A 266 27.18 -26.77 -2.43
N SER A 267 28.39 -26.32 -2.74
CA SER A 267 28.69 -24.99 -3.30
C SER A 267 28.00 -24.85 -4.66
N PHE A 268 27.58 -23.64 -4.99
CA PHE A 268 27.12 -23.33 -6.37
C PHE A 268 28.25 -23.72 -7.35
N GLN A 269 29.51 -23.49 -6.99
CA GLN A 269 30.67 -23.90 -7.84
C GLN A 269 30.61 -25.41 -8.17
N SER A 270 30.52 -26.28 -7.16
CA SER A 270 30.48 -27.77 -7.35
C SER A 270 29.26 -28.14 -8.15
N TRP A 271 28.12 -27.52 -7.82
CA TRP A 271 26.85 -27.77 -8.56
C TRP A 271 27.10 -27.50 -10.03
N SER A 272 27.63 -26.34 -10.33
CA SER A 272 27.73 -25.89 -11.73
C SER A 272 28.64 -26.88 -12.48
N GLN A 273 29.76 -27.24 -11.85
CA GLN A 273 30.74 -28.24 -12.38
C GLN A 273 30.05 -29.58 -12.70
N TRP A 274 29.33 -30.16 -11.75
CA TRP A 274 28.56 -31.40 -11.98
C TRP A 274 27.56 -31.20 -13.10
N LEU A 275 26.94 -30.03 -13.19
CA LEU A 275 25.91 -29.81 -14.23
C LEU A 275 26.59 -29.80 -15.60
N GLN A 276 27.82 -29.31 -15.69
CA GLN A 276 28.59 -29.35 -16.96
C GLN A 276 28.67 -30.82 -17.40
N GLU A 277 28.97 -31.73 -16.49
CA GLU A 277 29.06 -33.20 -16.79
C GLU A 277 27.68 -33.73 -17.18
N TYR A 278 26.67 -33.51 -16.33
CA TYR A 278 25.28 -34.00 -16.55
C TYR A 278 24.84 -33.67 -17.98
N ALA A 279 25.29 -32.54 -18.53
CA ALA A 279 24.75 -31.95 -19.79
C ALA A 279 25.02 -32.88 -20.96
N ASN A 280 26.02 -33.75 -20.85
CA ASN A 280 26.42 -34.70 -21.93
C ASN A 280 26.29 -36.16 -21.50
N GLU A 281 25.57 -36.45 -20.42
CA GLU A 281 25.36 -37.85 -19.96
C GLU A 281 23.99 -38.37 -20.42
N ALA A 282 23.85 -39.70 -20.34
CA ALA A 282 22.72 -40.45 -20.94
C ALA A 282 21.38 -39.98 -20.39
N ASP A 283 21.27 -39.74 -19.07
CA ASP A 283 19.97 -39.39 -18.42
C ASP A 283 19.35 -38.20 -19.14
N LEU A 284 20.13 -37.14 -19.41
CA LEU A 284 19.56 -35.91 -20.05
C LEU A 284 19.25 -36.20 -21.52
N LEU A 285 20.16 -36.87 -22.24
CA LEU A 285 20.03 -37.05 -23.72
C LEU A 285 18.82 -37.95 -24.00
N SER A 286 18.45 -38.83 -23.07
CA SER A 286 17.20 -39.62 -23.17
C SER A 286 15.99 -38.70 -23.33
N GLU A 287 16.09 -37.42 -22.93
CA GLU A 287 14.95 -36.47 -22.93
C GLU A 287 14.71 -35.93 -24.34
N ILE A 288 15.72 -35.98 -25.20
CA ILE A 288 15.70 -35.29 -26.53
C ILE A 288 14.44 -35.63 -27.33
N PRO A 289 13.98 -36.90 -27.45
CA PRO A 289 12.74 -37.19 -28.20
C PRO A 289 11.52 -36.45 -27.64
N TYR A 290 11.34 -36.37 -26.31
CA TYR A 290 10.26 -35.53 -25.72
C TYR A 290 10.40 -34.07 -26.22
N TRP A 291 11.59 -33.48 -26.11
CA TRP A 291 11.77 -32.03 -26.40
C TRP A 291 11.62 -31.80 -27.91
N GLU A 292 12.05 -32.74 -28.73
CA GLU A 292 11.89 -32.64 -30.22
C GLU A 292 10.41 -32.66 -30.54
N SER A 293 9.66 -33.58 -29.94
CA SER A 293 8.19 -33.68 -30.13
C SER A 293 7.54 -32.33 -29.75
N LEU A 294 7.99 -31.75 -28.64
CA LEU A 294 7.45 -30.45 -28.17
C LEU A 294 7.78 -29.39 -29.23
N GLU A 295 9.01 -29.32 -29.71
CA GLU A 295 9.42 -28.27 -30.67
C GLU A 295 8.59 -28.41 -31.94
N SER A 296 8.39 -29.65 -32.40
CA SER A 296 7.61 -29.98 -33.61
C SER A 296 6.18 -29.46 -33.44
N GLN A 297 5.54 -29.75 -32.30
CA GLN A 297 4.11 -29.39 -32.04
C GLN A 297 3.92 -27.89 -31.73
N ALA A 298 4.97 -27.12 -31.50
CA ALA A 298 4.83 -25.69 -31.13
C ALA A 298 5.36 -24.75 -32.21
N LYS A 299 6.03 -25.26 -33.26
CA LYS A 299 6.85 -24.42 -34.19
C LYS A 299 6.04 -23.24 -34.74
N ASN A 300 4.74 -23.40 -34.99
CA ASN A 300 3.93 -22.37 -35.69
C ASN A 300 3.21 -21.45 -34.69
N VAL A 301 2.85 -21.96 -33.51
CA VAL A 301 2.05 -21.21 -32.51
C VAL A 301 2.64 -19.79 -32.36
N SER A 302 1.77 -18.77 -32.30
CA SER A 302 2.16 -17.33 -32.21
C SER A 302 1.10 -16.55 -31.41
N LEU A 303 1.51 -15.54 -30.63
CA LEU A 303 0.63 -14.79 -29.70
C LEU A 303 0.17 -13.49 -30.33
N PRO A 304 -1.15 -13.23 -30.43
CA PRO A 304 -1.67 -11.96 -30.92
C PRO A 304 -1.45 -10.79 -29.95
N LYS A 305 -1.28 -9.59 -30.52
CA LYS A 305 -1.03 -8.31 -29.81
C LYS A 305 -1.93 -7.23 -30.38
N ASP A 306 -2.12 -6.14 -29.66
CA ASP A 306 -2.95 -5.00 -30.13
C ASP A 306 -2.10 -4.12 -31.06
N TYR A 307 -0.85 -3.84 -30.68
CA TYR A 307 0.07 -2.98 -31.46
C TYR A 307 1.32 -3.79 -31.82
N GLU A 308 1.55 -3.98 -33.12
CA GLU A 308 2.77 -4.59 -33.70
C GLU A 308 3.95 -3.65 -33.40
N VAL A 309 4.74 -3.91 -32.36
CA VAL A 309 5.88 -3.05 -31.96
C VAL A 309 7.08 -3.96 -31.69
N THR A 310 8.28 -3.48 -32.00
CA THR A 310 9.54 -4.26 -31.89
C THR A 310 10.42 -3.61 -30.81
N ASP A 311 11.13 -4.46 -30.05
CA ASP A 311 12.14 -4.03 -29.06
C ASP A 311 11.53 -3.04 -28.07
N CYS A 312 10.62 -3.48 -27.20
CA CYS A 312 10.06 -2.70 -26.06
C CYS A 312 11.06 -2.65 -24.92
N LYS A 313 10.99 -1.59 -24.11
CA LYS A 313 11.84 -1.40 -22.89
C LYS A 313 10.97 -1.45 -21.61
N GLN A 314 11.60 -1.73 -20.46
CA GLN A 314 10.91 -1.92 -19.16
C GLN A 314 10.13 -0.67 -18.74
N LYS A 315 10.61 0.52 -19.11
CA LYS A 315 9.88 1.80 -18.89
C LYS A 315 8.46 1.72 -19.49
N SER A 316 8.25 0.96 -20.57
CA SER A 316 6.92 0.80 -21.21
C SER A 316 6.03 -0.22 -20.46
N VAL A 317 6.55 -0.93 -19.45
CA VAL A 317 5.85 -2.11 -18.85
C VAL A 317 4.93 -1.60 -17.73
N ARG A 318 3.72 -2.15 -17.64
CA ARG A 318 2.74 -1.80 -16.59
C ARG A 318 2.29 -3.10 -15.92
N ASN A 319 1.93 -3.06 -14.63
CA ASN A 319 1.68 -4.24 -13.78
C ASN A 319 0.21 -4.31 -13.38
N MET A 320 -0.56 -5.29 -13.85
CA MET A 320 -1.99 -5.47 -13.45
C MET A 320 -2.13 -6.67 -12.50
N ARG A 321 -2.58 -6.41 -11.29
CA ARG A 321 -2.59 -7.41 -10.21
C ARG A 321 -4.01 -7.88 -9.92
N ILE A 322 -4.07 -9.18 -9.67
CA ILE A 322 -5.18 -10.04 -9.19
C ILE A 322 -4.76 -10.59 -7.82
N ARG A 323 -5.63 -10.46 -6.82
CA ARG A 323 -5.49 -11.06 -5.47
C ARG A 323 -6.63 -12.07 -5.30
N LEU A 324 -6.35 -13.28 -4.83
CA LEU A 324 -7.35 -14.14 -4.14
C LEU A 324 -7.31 -13.78 -2.66
N HIS A 325 -8.49 -13.63 -2.04
CA HIS A 325 -8.66 -13.34 -0.59
C HIS A 325 -8.11 -14.53 0.19
N PRO A 326 -7.79 -14.36 1.49
CA PRO A 326 -7.28 -15.46 2.30
C PRO A 326 -8.08 -16.79 2.19
N GLU A 327 -9.42 -16.74 2.21
CA GLU A 327 -10.29 -17.95 2.14
C GLU A 327 -9.98 -18.75 0.86
N GLU A 328 -10.06 -18.10 -0.31
CA GLU A 328 -9.90 -18.81 -1.59
C GLU A 328 -8.43 -19.25 -1.71
N THR A 329 -7.49 -18.49 -1.13
CA THR A 329 -6.04 -18.87 -1.18
C THR A 329 -5.86 -20.18 -0.39
N GLU A 330 -6.41 -20.25 0.82
CA GLU A 330 -6.23 -21.43 1.72
C GLU A 330 -6.90 -22.66 1.07
N GLN A 331 -8.06 -22.48 0.45
CA GLN A 331 -8.78 -23.55 -0.31
C GLN A 331 -7.86 -24.08 -1.41
N LEU A 332 -7.27 -23.18 -2.22
CA LEU A 332 -6.32 -23.51 -3.30
C LEU A 332 -5.15 -24.35 -2.76
N LEU A 333 -4.50 -23.89 -1.69
CA LEU A 333 -3.21 -24.46 -1.19
C LEU A 333 -3.46 -25.80 -0.53
N LYS A 334 -4.55 -25.91 0.22
CA LYS A 334 -4.73 -27.03 1.17
C LYS A 334 -5.74 -28.04 0.62
N HIS A 335 -6.85 -27.61 0.03
CA HIS A 335 -8.05 -28.47 -0.18
C HIS A 335 -8.21 -28.86 -1.65
N ALA A 336 -7.88 -27.99 -2.58
CA ALA A 336 -8.24 -28.15 -4.02
C ALA A 336 -7.55 -29.38 -4.62
N ASN A 337 -6.31 -29.70 -4.23
CA ASN A 337 -5.50 -30.66 -5.00
C ASN A 337 -6.08 -32.06 -4.84
N GLN A 338 -6.90 -32.28 -3.81
CA GLN A 338 -7.35 -33.61 -3.35
C GLN A 338 -8.30 -34.20 -4.42
N ALA A 339 -8.95 -33.33 -5.20
CA ALA A 339 -10.08 -33.73 -6.08
C ALA A 339 -9.55 -34.63 -7.20
N TYR A 340 -8.45 -34.26 -7.86
CA TYR A 340 -7.89 -34.97 -9.03
C TYR A 340 -6.43 -35.34 -8.77
N GLN A 341 -6.01 -35.28 -7.51
CA GLN A 341 -4.64 -35.59 -7.03
C GLN A 341 -3.64 -34.74 -7.82
N THR A 342 -3.92 -33.44 -7.95
CA THR A 342 -3.06 -32.51 -8.72
C THR A 342 -1.96 -31.97 -7.81
N GLU A 343 -1.05 -31.21 -8.43
CA GLU A 343 -0.15 -30.27 -7.74
C GLU A 343 -0.60 -28.87 -8.15
N ILE A 344 -0.23 -27.86 -7.37
CA ILE A 344 -0.79 -26.49 -7.51
C ILE A 344 -0.51 -25.95 -8.93
N ASN A 345 0.61 -26.30 -9.55
CA ASN A 345 0.91 -25.85 -10.94
C ASN A 345 -0.16 -26.37 -11.92
N ASP A 346 -0.71 -27.55 -11.68
CA ASP A 346 -1.76 -28.13 -12.56
C ASP A 346 -2.97 -27.20 -12.52
N LEU A 347 -3.32 -26.70 -11.34
CA LEU A 347 -4.55 -25.89 -11.21
C LEU A 347 -4.27 -24.49 -11.74
N LEU A 348 -3.08 -23.95 -11.50
CA LEU A 348 -2.76 -22.56 -11.93
C LEU A 348 -2.69 -22.52 -13.46
N LEU A 349 -2.18 -23.59 -14.09
CA LEU A 349 -2.00 -23.66 -15.57
C LEU A 349 -3.34 -24.06 -16.23
N ALA A 350 -4.14 -24.90 -15.60
CA ALA A 350 -5.55 -25.13 -16.01
C ALA A 350 -6.26 -23.77 -16.07
N ALA A 351 -6.16 -22.94 -15.03
CA ALA A 351 -6.77 -21.60 -15.07
C ALA A 351 -6.17 -20.79 -16.22
N LEU A 352 -4.88 -20.92 -16.49
CA LEU A 352 -4.19 -20.13 -17.54
C LEU A 352 -4.74 -20.53 -18.90
N GLY A 353 -4.89 -21.83 -19.13
CA GLY A 353 -5.46 -22.35 -20.38
C GLY A 353 -6.88 -21.83 -20.59
N LEU A 354 -7.76 -22.04 -19.63
CA LEU A 354 -9.16 -21.54 -19.71
C LEU A 354 -9.14 -20.04 -20.05
N ALA A 355 -8.19 -19.28 -19.52
CA ALA A 355 -8.12 -17.82 -19.73
C ALA A 355 -7.71 -17.53 -21.19
N PHE A 356 -6.70 -18.22 -21.73
CA PHE A 356 -6.21 -17.96 -23.11
C PHE A 356 -7.26 -18.44 -24.13
N ALA A 357 -8.00 -19.48 -23.80
CA ALA A 357 -9.11 -20.05 -24.61
C ALA A 357 -10.23 -19.02 -24.75
N GLU A 358 -10.58 -18.34 -23.67
CA GLU A 358 -11.62 -17.29 -23.63
C GLU A 358 -11.11 -16.03 -24.32
N TRP A 359 -9.93 -15.55 -23.96
CA TRP A 359 -9.38 -14.23 -24.36
C TRP A 359 -8.87 -14.24 -25.81
N SER A 360 -8.41 -15.38 -26.34
CA SER A 360 -7.73 -15.52 -27.66
C SER A 360 -8.49 -16.51 -28.57
N LYS A 361 -8.12 -16.59 -29.84
CA LYS A 361 -8.78 -17.51 -30.80
C LYS A 361 -7.81 -18.64 -31.16
N LEU A 362 -6.75 -18.84 -30.38
CA LEU A 362 -5.69 -19.86 -30.66
C LEU A 362 -6.15 -21.25 -30.25
N ALA A 363 -5.65 -22.29 -30.93
CA ALA A 363 -5.92 -23.71 -30.62
C ALA A 363 -5.05 -24.14 -29.43
N GLN A 364 -3.98 -23.40 -29.20
CA GLN A 364 -2.82 -23.85 -28.39
C GLN A 364 -2.01 -22.62 -28.03
N ILE A 365 -1.45 -22.59 -26.81
CA ILE A 365 -0.51 -21.50 -26.41
C ILE A 365 0.74 -22.16 -25.83
N VAL A 366 1.90 -21.62 -26.16
CA VAL A 366 3.16 -22.06 -25.55
C VAL A 366 3.51 -21.05 -24.47
N ILE A 367 3.70 -21.54 -23.24
CA ILE A 367 4.09 -20.71 -22.08
C ILE A 367 5.49 -21.15 -21.62
N HIS A 368 6.35 -20.18 -21.29
CA HIS A 368 7.65 -20.35 -20.61
C HIS A 368 7.35 -20.51 -19.11
N LEU A 369 7.52 -21.70 -18.57
CA LEU A 369 7.23 -21.98 -17.15
C LEU A 369 8.53 -21.95 -16.37
N ALA A 370 8.55 -21.29 -15.23
CA ALA A 370 9.72 -21.30 -14.33
C ALA A 370 9.53 -22.41 -13.30
N GLY A 371 10.61 -23.12 -12.96
CA GLY A 371 10.65 -23.99 -11.78
C GLY A 371 11.85 -23.71 -10.90
N HIS A 372 11.81 -24.13 -9.64
CA HIS A 372 12.91 -23.85 -8.68
C HIS A 372 14.24 -24.43 -9.19
N GLY A 373 14.20 -25.51 -9.98
CA GLY A 373 15.39 -26.06 -10.67
C GLY A 373 16.35 -26.82 -9.77
N ARG A 374 15.97 -27.10 -8.52
CA ARG A 374 16.80 -27.92 -7.59
C ARG A 374 16.29 -29.38 -7.65
N GLU A 375 16.33 -29.97 -8.83
CA GLU A 375 15.86 -31.35 -9.08
C GLU A 375 17.01 -32.31 -8.76
N ASP A 376 16.69 -33.50 -8.28
CA ASP A 376 17.70 -34.51 -7.87
C ASP A 376 18.23 -35.22 -9.12
N ILE A 377 18.86 -34.49 -10.03
CA ILE A 377 19.36 -34.99 -11.32
C ILE A 377 20.76 -35.58 -11.12
N ILE A 378 21.46 -35.20 -10.05
CA ILE A 378 22.90 -35.50 -9.83
C ILE A 378 23.04 -36.23 -8.49
N GLU A 379 23.42 -37.50 -8.52
CA GLU A 379 23.54 -38.34 -7.30
C GLU A 379 24.59 -37.67 -6.42
N GLN A 380 24.33 -37.54 -5.13
CA GLN A 380 25.36 -37.04 -4.18
C GLN A 380 25.60 -35.53 -4.38
N ALA A 381 24.77 -34.84 -5.17
CA ALA A 381 24.61 -33.38 -5.07
C ALA A 381 23.51 -33.09 -4.05
N ASN A 382 23.77 -32.18 -3.15
CA ASN A 382 22.76 -31.64 -2.22
C ASN A 382 22.85 -30.11 -2.28
N VAL A 383 21.85 -29.45 -2.87
CA VAL A 383 21.83 -27.96 -2.97
C VAL A 383 20.62 -27.44 -2.22
N ALA A 384 20.15 -28.17 -1.22
CA ALA A 384 18.88 -27.86 -0.52
C ALA A 384 19.07 -26.59 0.30
N ARG A 385 20.31 -26.23 0.69
CA ARG A 385 20.53 -24.97 1.45
C ARG A 385 21.58 -24.07 0.79
N THR A 386 21.72 -24.14 -0.52
CA THR A 386 22.75 -23.40 -1.27
C THR A 386 22.15 -22.15 -1.90
N VAL A 387 22.80 -21.01 -1.70
CA VAL A 387 22.39 -19.72 -2.33
C VAL A 387 22.98 -19.67 -3.72
N GLY A 388 22.15 -19.28 -4.68
CA GLY A 388 22.49 -19.15 -6.10
C GLY A 388 21.24 -19.00 -6.91
N TRP A 389 21.42 -18.83 -8.19
CA TRP A 389 20.35 -18.78 -9.19
C TRP A 389 20.17 -20.17 -9.80
N PHE A 390 19.25 -21.00 -9.29
CA PHE A 390 19.06 -22.39 -9.78
C PHE A 390 17.90 -22.47 -10.77
N THR A 391 17.13 -21.40 -10.85
CA THR A 391 15.84 -21.35 -11.57
C THR A 391 15.96 -22.03 -12.95
N SER A 392 14.94 -22.80 -13.30
CA SER A 392 14.81 -23.48 -14.60
C SER A 392 13.70 -22.77 -15.36
N GLN A 393 13.74 -22.83 -16.67
CA GLN A 393 12.69 -22.28 -17.55
C GLN A 393 12.53 -23.27 -18.69
N TYR A 394 11.29 -23.55 -19.07
CA TYR A 394 10.99 -24.60 -20.06
C TYR A 394 9.64 -24.30 -20.68
N PRO A 395 9.50 -24.65 -21.98
CA PRO A 395 8.24 -24.47 -22.68
C PRO A 395 7.24 -25.58 -22.30
N VAL A 396 5.99 -25.16 -22.13
CA VAL A 396 4.81 -26.03 -21.91
C VAL A 396 3.78 -25.65 -22.99
N LEU A 397 3.22 -26.64 -23.69
CA LEU A 397 2.11 -26.43 -24.68
C LEU A 397 0.77 -26.62 -23.99
N LEU A 398 0.02 -25.55 -23.72
CA LEU A 398 -1.36 -25.70 -23.22
C LEU A 398 -2.31 -25.86 -24.42
N ASP A 399 -3.04 -26.97 -24.44
CA ASP A 399 -4.18 -27.19 -25.36
C ASP A 399 -5.30 -26.22 -24.97
N LEU A 400 -5.77 -25.37 -25.89
CA LEU A 400 -6.91 -24.43 -25.63
C LEU A 400 -8.24 -24.93 -26.22
N LYS A 401 -8.26 -26.02 -26.99
CA LYS A 401 -9.45 -26.37 -27.83
C LYS A 401 -10.53 -27.06 -26.97
N GLN A 402 -10.14 -27.81 -25.93
CA GLN A 402 -11.01 -28.83 -25.28
C GLN A 402 -11.41 -28.39 -23.86
N THR A 403 -11.86 -27.16 -23.68
CA THR A 403 -11.96 -26.51 -22.34
C THR A 403 -13.12 -27.08 -21.52
N ALA A 404 -14.00 -27.89 -22.11
CA ALA A 404 -15.21 -28.41 -21.44
C ALA A 404 -15.28 -29.92 -21.56
N PRO A 405 -15.75 -30.64 -20.52
CA PRO A 405 -16.03 -30.03 -19.21
C PRO A 405 -14.77 -29.67 -18.39
N LEU A 406 -14.94 -28.95 -17.27
CA LEU A 406 -13.83 -28.50 -16.38
C LEU A 406 -13.02 -29.68 -15.83
N SER A 407 -13.66 -30.78 -15.41
CA SER A 407 -12.98 -31.95 -14.81
C SER A 407 -11.98 -32.56 -15.81
N ASP A 408 -12.37 -32.68 -17.08
CA ASP A 408 -11.50 -33.25 -18.14
C ASP A 408 -10.34 -32.29 -18.43
N TYR A 409 -10.57 -30.99 -18.37
CA TYR A 409 -9.52 -29.97 -18.67
C TYR A 409 -8.46 -29.97 -17.57
N ILE A 410 -8.88 -30.17 -16.31
CA ILE A 410 -7.96 -30.31 -15.15
C ILE A 410 -7.12 -31.58 -15.33
N LYS A 411 -7.78 -32.72 -15.55
CA LYS A 411 -7.10 -34.04 -15.70
C LYS A 411 -6.15 -33.98 -16.90
N LEU A 412 -6.55 -33.30 -17.97
CA LEU A 412 -5.72 -33.13 -19.19
C LEU A 412 -4.48 -32.28 -18.89
N THR A 413 -4.63 -31.16 -18.16
CA THR A 413 -3.52 -30.29 -17.72
C THR A 413 -2.56 -31.11 -16.86
N LYS A 414 -3.09 -31.88 -15.93
CA LYS A 414 -2.28 -32.78 -15.07
C LYS A 414 -1.49 -33.76 -15.94
N GLU A 415 -2.13 -34.40 -16.92
CA GLU A 415 -1.48 -35.37 -17.85
C GLU A 415 -0.30 -34.69 -18.57
N ASN A 416 -0.55 -33.51 -19.12
CA ASN A 416 0.47 -32.68 -19.82
C ASN A 416 1.65 -32.49 -18.86
N MET A 417 1.39 -32.04 -17.64
CA MET A 417 2.47 -31.73 -16.66
C MET A 417 3.22 -33.01 -16.27
N ARG A 418 2.52 -34.12 -16.07
CA ARG A 418 3.13 -35.40 -15.61
C ARG A 418 4.10 -35.93 -16.69
N LYS A 419 3.81 -35.72 -17.97
CA LYS A 419 4.64 -36.24 -19.09
C LYS A 419 6.00 -35.52 -19.13
N ILE A 420 6.09 -34.26 -18.66
CA ILE A 420 7.37 -33.51 -18.70
C ILE A 420 8.43 -34.28 -17.95
N PRO A 421 9.62 -34.51 -18.54
CA PRO A 421 10.73 -35.07 -17.77
C PRO A 421 11.32 -34.10 -16.72
N ARG A 422 11.58 -34.62 -15.53
CA ARG A 422 12.35 -34.01 -14.43
C ARG A 422 12.02 -32.52 -14.24
N LYS A 423 10.73 -32.19 -14.16
CA LYS A 423 10.16 -30.83 -13.93
C LYS A 423 10.79 -29.78 -14.87
N GLY A 424 11.11 -30.20 -16.09
CA GLY A 424 11.55 -29.37 -17.24
C GLY A 424 12.99 -28.86 -17.16
N ILE A 425 13.77 -29.28 -16.16
CA ILE A 425 15.12 -28.69 -15.94
C ILE A 425 15.99 -28.99 -17.17
N GLY A 426 15.68 -30.04 -17.91
CA GLY A 426 16.55 -30.56 -18.99
C GLY A 426 16.63 -29.64 -20.20
N TYR A 427 15.54 -28.95 -20.57
CA TYR A 427 15.49 -28.18 -21.83
C TYR A 427 16.60 -27.15 -21.89
N ASP A 428 16.79 -26.34 -20.83
CA ASP A 428 17.77 -25.21 -20.82
C ASP A 428 19.20 -25.74 -20.77
N ILE A 429 19.41 -26.91 -20.17
CA ILE A 429 20.73 -27.59 -20.18
C ILE A 429 21.05 -27.98 -21.63
N LEU A 430 20.07 -28.56 -22.30
CA LEU A 430 20.21 -28.97 -23.71
C LEU A 430 20.50 -27.71 -24.53
N LYS A 431 19.76 -26.63 -24.28
CA LYS A 431 19.83 -25.39 -25.06
C LYS A 431 21.16 -24.67 -24.85
N HIS A 432 21.76 -24.67 -23.65
CA HIS A 432 22.85 -23.71 -23.30
C HIS A 432 24.15 -24.40 -22.90
N VAL A 433 24.18 -25.70 -22.63
CA VAL A 433 25.40 -26.37 -22.07
C VAL A 433 25.76 -27.61 -22.92
N THR A 434 24.81 -28.51 -23.17
CA THR A 434 25.04 -29.75 -23.97
C THR A 434 25.82 -29.44 -25.26
N LEU A 435 26.86 -30.23 -25.55
CA LEU A 435 27.66 -30.13 -26.81
C LEU A 435 26.72 -30.20 -28.00
N PRO A 436 26.91 -29.38 -29.06
CA PRO A 436 25.95 -29.33 -30.17
C PRO A 436 25.66 -30.70 -30.79
N GLU A 437 26.68 -31.54 -30.85
CA GLU A 437 26.63 -32.87 -31.48
C GLU A 437 25.73 -33.82 -30.68
N ASN A 438 25.44 -33.50 -29.40
CA ASN A 438 24.59 -34.34 -28.51
C ASN A 438 23.16 -33.81 -28.43
N ARG A 439 22.80 -32.78 -29.21
CA ARG A 439 21.47 -32.11 -29.11
C ARG A 439 20.46 -32.72 -30.11
N GLY A 440 20.79 -33.81 -30.81
CA GLY A 440 19.83 -34.43 -31.75
C GLY A 440 19.36 -33.39 -32.75
N SER A 441 18.08 -33.37 -33.11
CA SER A 441 17.55 -32.35 -34.07
C SER A 441 16.90 -31.17 -33.34
N LEU A 442 17.22 -30.92 -32.08
CA LEU A 442 16.64 -29.74 -31.35
C LEU A 442 17.11 -28.45 -32.03
N SER A 443 16.16 -27.58 -32.38
CA SER A 443 16.37 -26.25 -33.02
C SER A 443 16.41 -25.14 -31.96
N PHE A 444 15.71 -25.33 -30.83
CA PHE A 444 15.53 -24.30 -29.77
C PHE A 444 14.98 -23.01 -30.38
N ARG A 445 14.03 -23.12 -31.31
CA ARG A 445 13.41 -21.94 -31.96
C ARG A 445 12.12 -21.59 -31.22
N VAL A 446 11.68 -22.43 -30.28
CA VAL A 446 10.44 -22.12 -29.50
C VAL A 446 10.78 -20.93 -28.63
N GLN A 447 10.10 -19.80 -28.83
CA GLN A 447 10.36 -18.56 -28.07
C GLN A 447 9.04 -18.13 -27.49
N PRO A 448 8.64 -18.73 -26.34
CA PRO A 448 7.37 -18.39 -25.73
C PRO A 448 7.30 -16.87 -25.58
N GLU A 449 6.10 -16.34 -25.71
CA GLU A 449 5.81 -14.91 -25.53
C GLU A 449 5.01 -14.69 -24.24
N VAL A 450 4.68 -15.77 -23.55
CA VAL A 450 3.96 -15.78 -22.26
C VAL A 450 4.86 -16.50 -21.27
N THR A 451 5.19 -15.83 -20.18
CA THR A 451 5.94 -16.45 -19.05
C THR A 451 4.96 -16.62 -17.89
N PHE A 452 4.99 -17.79 -17.25
CA PHE A 452 4.24 -18.05 -15.99
C PHE A 452 5.23 -18.43 -14.90
N ASN A 453 5.23 -17.66 -13.81
CA ASN A 453 6.24 -17.78 -12.74
C ASN A 453 5.53 -17.70 -11.40
N TYR A 454 5.20 -18.85 -10.80
CA TYR A 454 4.66 -18.95 -9.42
C TYR A 454 5.81 -19.19 -8.46
N LEU A 455 6.16 -18.15 -7.70
CA LEU A 455 7.36 -18.16 -6.82
C LEU A 455 7.10 -19.01 -5.57
N GLY A 456 5.83 -19.24 -5.25
CA GLY A 456 5.46 -20.05 -4.08
C GLY A 456 5.13 -19.19 -2.88
N GLN A 457 5.32 -19.75 -1.69
CA GLN A 457 4.82 -19.18 -0.41
C GLN A 457 5.99 -18.53 0.34
N PHE A 458 5.77 -17.34 0.94
CA PHE A 458 6.82 -16.55 1.62
C PHE A 458 6.45 -16.12 3.03
N ASP A 459 5.21 -16.29 3.47
CA ASP A 459 4.74 -15.81 4.80
C ASP A 459 5.59 -16.39 5.92
N ALA A 460 5.81 -17.70 5.94
CA ALA A 460 6.59 -18.37 7.01
C ALA A 460 8.07 -17.95 6.92
N ASP A 461 8.56 -17.50 5.78
CA ASP A 461 10.00 -17.11 5.64
C ASP A 461 10.21 -15.66 6.08
N MET A 462 9.27 -14.78 5.72
CA MET A 462 9.41 -13.32 5.92
C MET A 462 8.86 -12.87 7.28
N ARG A 463 7.76 -13.50 7.74
CA ARG A 463 7.08 -13.13 8.99
C ARG A 463 7.61 -14.03 10.10
N THR A 464 8.52 -13.52 10.93
CA THR A 464 9.30 -14.23 11.98
C THR A 464 9.08 -13.48 13.29
N GLU A 465 9.57 -14.02 14.39
CA GLU A 465 9.54 -13.36 15.70
C GLU A 465 10.32 -12.04 15.65
N LEU A 466 11.38 -11.91 14.86
CA LEU A 466 12.24 -10.69 14.92
C LEU A 466 11.77 -9.62 13.92
N PHE A 467 11.25 -9.99 12.76
CA PHE A 467 10.94 -9.01 11.69
C PHE A 467 9.81 -9.54 10.83
N THR A 468 9.35 -8.75 9.87
CA THR A 468 8.28 -9.15 8.95
C THR A 468 8.47 -8.40 7.64
N ARG A 469 7.74 -8.78 6.62
CA ARG A 469 7.64 -8.06 5.33
C ARG A 469 7.21 -6.62 5.64
N SER A 470 7.96 -5.65 5.14
CA SER A 470 7.67 -4.20 5.29
C SER A 470 6.42 -3.88 4.48
N PRO A 471 5.46 -3.11 5.01
CA PRO A 471 4.38 -2.56 4.18
C PRO A 471 4.89 -1.57 3.13
N TYR A 472 6.14 -1.10 3.26
CA TYR A 472 6.75 -0.14 2.30
C TYR A 472 7.78 -0.86 1.41
N SER A 473 7.50 -2.12 1.06
CA SER A 473 8.30 -2.90 0.06
C SER A 473 8.26 -2.15 -1.27
N GLY A 474 7.11 -1.56 -1.63
CA GLY A 474 6.94 -0.84 -2.91
C GLY A 474 7.49 -1.65 -4.07
N GLY A 475 8.36 -1.05 -4.88
CA GLY A 475 8.86 -1.69 -6.12
C GLY A 475 9.97 -2.69 -5.84
N ASN A 476 10.32 -2.93 -4.58
CA ASN A 476 11.36 -3.89 -4.14
C ASN A 476 10.75 -5.24 -3.84
N THR A 477 10.70 -6.14 -4.83
CA THR A 477 10.07 -7.47 -4.68
C THR A 477 10.94 -8.60 -5.23
N LEU A 478 10.55 -9.82 -4.92
CA LEU A 478 11.23 -11.07 -5.35
C LEU A 478 10.76 -11.46 -6.75
N GLY A 479 9.56 -11.06 -7.17
CA GLY A 479 9.05 -11.33 -8.52
C GLY A 479 9.52 -10.29 -9.54
N ALA A 480 9.33 -10.59 -10.84
CA ALA A 480 9.76 -9.72 -11.96
C ALA A 480 8.87 -8.48 -12.06
N ASP A 481 7.85 -8.34 -11.22
CA ASP A 481 6.87 -7.23 -11.25
C ASP A 481 7.41 -5.99 -10.51
N GLY A 482 8.24 -6.13 -9.49
CA GLY A 482 8.72 -4.97 -8.73
C GLY A 482 9.53 -4.07 -9.64
N LYS A 483 9.07 -2.82 -9.81
CA LYS A 483 9.56 -1.84 -10.81
C LYS A 483 11.02 -1.48 -10.53
N ASN A 484 11.47 -1.54 -9.29
CA ASN A 484 12.85 -1.17 -8.89
C ASN A 484 13.88 -2.23 -9.32
N ASN A 485 13.47 -3.45 -9.62
CA ASN A 485 14.45 -4.56 -9.77
C ASN A 485 15.24 -4.44 -11.06
N LEU A 486 14.66 -3.79 -12.08
CA LEU A 486 15.18 -3.77 -13.47
C LEU A 486 15.45 -2.32 -13.89
N SER A 487 16.44 -2.12 -14.76
CA SER A 487 16.64 -0.81 -15.42
C SER A 487 15.41 -0.47 -16.27
N PRO A 488 14.94 0.79 -16.27
CA PRO A 488 13.95 1.22 -17.27
C PRO A 488 14.38 1.00 -18.74
N GLU A 489 15.69 1.01 -18.99
CA GLU A 489 16.25 0.86 -20.36
C GLU A 489 16.43 -0.64 -20.68
N SER A 490 16.22 -1.55 -19.73
CA SER A 490 16.31 -3.02 -19.91
C SER A 490 15.26 -3.47 -20.95
N GLU A 491 15.61 -4.43 -21.80
CA GLU A 491 14.71 -4.94 -22.87
C GLU A 491 13.65 -5.83 -22.25
N VAL A 492 12.43 -5.74 -22.72
CA VAL A 492 11.33 -6.68 -22.34
C VAL A 492 11.70 -8.04 -22.93
N TYR A 493 11.66 -9.13 -22.15
CA TYR A 493 12.09 -10.47 -22.66
C TYR A 493 10.88 -11.38 -22.86
N THR A 494 9.66 -10.95 -22.49
CA THR A 494 8.41 -11.72 -22.76
C THR A 494 7.27 -10.72 -22.90
N ALA A 495 6.31 -10.97 -23.81
CA ALA A 495 5.18 -10.04 -24.06
C ALA A 495 4.28 -9.99 -22.81
N LEU A 496 3.92 -11.15 -22.26
CA LEU A 496 3.11 -11.25 -21.02
C LEU A 496 3.92 -12.00 -19.96
N ASN A 497 4.27 -11.30 -18.89
CA ASN A 497 4.96 -11.90 -17.74
C ASN A 497 3.91 -12.05 -16.64
N ILE A 498 3.53 -13.28 -16.34
CA ILE A 498 2.53 -13.57 -15.28
C ILE A 498 3.28 -14.16 -14.09
N THR A 499 3.41 -13.39 -13.02
CA THR A 499 4.23 -13.76 -11.85
C THR A 499 3.30 -13.74 -10.64
N GLY A 500 3.48 -14.72 -9.77
CA GLY A 500 2.59 -14.89 -8.61
C GLY A 500 3.33 -15.40 -7.42
N LEU A 501 2.79 -15.11 -6.26
CA LEU A 501 3.39 -15.54 -4.97
C LEU A 501 2.29 -15.52 -3.92
N ILE A 502 2.54 -16.15 -2.78
CA ILE A 502 1.61 -16.02 -1.63
C ILE A 502 2.28 -15.10 -0.64
N GLU A 503 1.76 -13.90 -0.46
CA GLU A 503 2.23 -12.97 0.61
C GLU A 503 0.99 -12.47 1.36
N GLY A 504 1.13 -12.25 2.66
CA GLY A 504 0.01 -11.81 3.50
C GLY A 504 -1.22 -12.68 3.37
N GLY A 505 -1.03 -13.98 3.11
CA GLY A 505 -2.12 -14.98 3.16
C GLY A 505 -2.89 -15.02 1.85
N GLU A 506 -2.47 -14.25 0.84
CA GLU A 506 -3.18 -14.12 -0.45
C GLU A 506 -2.27 -14.51 -1.61
N LEU A 507 -2.85 -15.21 -2.61
CA LEU A 507 -2.21 -15.36 -3.94
C LEU A 507 -2.33 -14.02 -4.65
N VAL A 508 -1.18 -13.44 -5.00
CA VAL A 508 -1.10 -12.17 -5.75
C VAL A 508 -0.45 -12.49 -7.07
N LEU A 509 -1.21 -12.35 -8.15
CA LEU A 509 -0.77 -12.59 -9.53
C LEU A 509 -0.69 -11.24 -10.24
N THR A 510 0.49 -10.95 -10.81
CA THR A 510 0.75 -9.74 -11.59
C THR A 510 0.86 -10.12 -13.06
N PHE A 511 0.07 -9.47 -13.91
CA PHE A 511 0.19 -9.51 -15.39
C PHE A 511 1.00 -8.27 -15.82
N SER A 512 2.27 -8.47 -16.19
CA SER A 512 3.18 -7.39 -16.67
C SER A 512 3.23 -7.42 -18.20
N TYR A 513 3.02 -6.26 -18.84
CA TYR A 513 2.86 -6.14 -20.32
C TYR A 513 3.39 -4.79 -20.78
N SER A 514 3.77 -4.68 -22.06
CA SER A 514 4.18 -3.37 -22.63
C SER A 514 2.94 -2.62 -23.11
N SER A 515 2.73 -1.40 -22.62
CA SER A 515 1.71 -0.44 -23.14
C SER A 515 1.89 -0.27 -24.65
N GLU A 516 3.12 -0.37 -25.15
CA GLU A 516 3.42 -0.28 -26.59
C GLU A 516 2.93 -1.53 -27.35
N GLN A 517 2.52 -2.62 -26.67
CA GLN A 517 2.04 -3.86 -27.35
C GLN A 517 0.56 -4.14 -27.03
N TYR A 518 0.07 -3.77 -25.85
CA TYR A 518 -1.33 -4.09 -25.46
C TYR A 518 -1.99 -2.87 -24.84
N ARG A 519 -3.28 -2.71 -25.16
CA ARG A 519 -4.17 -1.76 -24.48
C ARG A 519 -4.49 -2.35 -23.10
N GLU A 520 -4.59 -1.49 -22.08
CA GLU A 520 -4.98 -1.85 -20.69
C GLU A 520 -6.20 -2.79 -20.70
N GLU A 521 -7.24 -2.44 -21.46
CA GLU A 521 -8.51 -3.19 -21.59
C GLU A 521 -8.18 -4.65 -21.88
N SER A 522 -7.29 -4.92 -22.84
CA SER A 522 -6.96 -6.29 -23.30
C SER A 522 -6.46 -7.12 -22.12
N ILE A 523 -5.67 -6.51 -21.23
CA ILE A 523 -5.04 -7.19 -20.07
C ILE A 523 -6.04 -7.26 -18.90
N GLN A 524 -6.90 -6.26 -18.70
CA GLN A 524 -8.05 -6.36 -17.74
C GLN A 524 -8.89 -7.57 -18.11
N GLN A 525 -9.15 -7.82 -19.40
CA GLN A 525 -9.98 -8.98 -19.82
C GLN A 525 -9.24 -10.30 -19.53
N LEU A 526 -7.94 -10.37 -19.84
CA LEU A 526 -7.14 -11.61 -19.65
C LEU A 526 -7.07 -11.91 -18.14
N SER A 527 -6.74 -10.90 -17.34
CA SER A 527 -6.55 -11.04 -15.87
C SER A 527 -7.87 -11.32 -15.15
N GLN A 528 -8.98 -10.70 -15.58
CA GLN A 528 -10.34 -10.98 -15.04
C GLN A 528 -10.74 -12.42 -15.41
N SER A 529 -10.43 -12.84 -16.63
CA SER A 529 -10.73 -14.21 -17.09
C SER A 529 -9.95 -15.21 -16.24
N TYR A 530 -8.68 -14.90 -15.95
CA TYR A 530 -7.82 -15.81 -15.15
C TYR A 530 -8.42 -15.96 -13.75
N GLN A 531 -8.73 -14.83 -13.12
CA GLN A 531 -9.31 -14.80 -11.76
C GLN A 531 -10.62 -15.62 -11.73
N LYS A 532 -11.54 -15.35 -12.65
CA LYS A 532 -12.84 -16.07 -12.73
C LYS A 532 -12.59 -17.58 -12.81
N HIS A 533 -11.74 -18.04 -13.73
CA HIS A 533 -11.53 -19.50 -13.97
C HIS A 533 -10.77 -20.17 -12.83
N LEU A 534 -9.80 -19.48 -12.19
CA LEU A 534 -9.10 -20.07 -11.02
C LEU A 534 -10.11 -20.22 -9.87
N LEU A 535 -10.97 -19.23 -9.63
CA LEU A 535 -12.03 -19.29 -8.59
C LEU A 535 -12.99 -20.45 -8.90
N ALA A 536 -13.30 -20.64 -10.18
CA ALA A 536 -14.18 -21.74 -10.62
C ALA A 536 -13.47 -23.08 -10.37
N ILE A 537 -12.17 -23.17 -10.69
CA ILE A 537 -11.40 -24.42 -10.40
C ILE A 537 -11.42 -24.71 -8.89
N ILE A 538 -11.20 -23.69 -8.06
CA ILE A 538 -11.12 -23.89 -6.59
C ILE A 538 -12.50 -24.33 -6.09
N ALA A 539 -13.57 -23.62 -6.47
CA ALA A 539 -14.98 -23.97 -6.16
C ALA A 539 -15.28 -25.40 -6.63
N HIS A 540 -14.93 -25.76 -7.87
CA HIS A 540 -15.17 -27.11 -8.43
C HIS A 540 -14.47 -28.16 -7.56
N CYS A 541 -13.16 -28.02 -7.32
CA CYS A 541 -12.29 -28.98 -6.59
C CYS A 541 -12.67 -29.08 -5.10
N THR A 542 -13.21 -28.05 -4.47
CA THR A 542 -13.57 -28.08 -3.03
C THR A 542 -15.08 -28.30 -2.79
N GLU A 543 -15.96 -28.18 -3.80
CA GLU A 543 -17.46 -28.17 -3.66
C GLU A 543 -17.92 -29.54 -3.15
N ALA B 13 18.77 33.74 10.75
CA ALA B 13 19.09 33.59 12.21
C ALA B 13 17.83 33.15 12.97
N TYR B 14 18.05 32.32 13.98
CA TYR B 14 17.05 31.93 15.00
C TYR B 14 16.92 33.06 16.02
N HIS B 15 15.73 33.66 16.12
CA HIS B 15 15.42 34.66 17.17
C HIS B 15 14.61 33.99 18.27
N PRO B 16 15.19 33.82 19.47
CA PRO B 16 14.49 33.21 20.58
C PRO B 16 13.32 34.03 21.10
N PRO B 17 12.35 33.39 21.79
CA PRO B 17 11.29 34.12 22.46
C PRO B 17 11.94 35.01 23.52
N ARG B 18 11.20 36.03 23.98
CA ARG B 18 11.68 37.12 24.88
C ARG B 18 10.73 37.25 26.07
N THR B 19 9.42 37.10 25.84
CA THR B 19 8.35 37.18 26.85
C THR B 19 7.76 35.79 27.09
N GLU B 20 6.81 35.66 28.02
CA GLU B 20 6.05 34.42 28.26
C GLU B 20 5.14 34.14 27.04
N THR B 21 4.36 35.13 26.60
CA THR B 21 3.44 35.03 25.44
C THR B 21 4.22 34.51 24.24
N GLU B 22 5.36 35.13 23.93
CA GLU B 22 6.21 34.71 22.78
C GLU B 22 6.61 33.23 22.95
N SER B 23 6.79 32.77 24.18
CA SER B 23 7.31 31.42 24.52
C SER B 23 6.19 30.38 24.34
N ILE B 24 5.01 30.63 24.88
CA ILE B 24 3.77 29.82 24.67
C ILE B 24 3.50 29.71 23.16
N LEU B 25 3.63 30.80 22.42
CA LEU B 25 3.47 30.80 20.94
C LEU B 25 4.54 29.95 20.24
N VAL B 26 5.82 29.99 20.64
CA VAL B 26 6.86 29.12 19.99
C VAL B 26 6.44 27.65 20.16
N SER B 27 6.16 27.29 21.39
CA SER B 27 5.73 25.95 21.83
C SER B 27 4.50 25.50 21.02
N ILE B 28 3.48 26.36 20.96
CA ILE B 28 2.23 26.06 20.22
C ILE B 28 2.55 25.89 18.73
N TRP B 29 3.30 26.79 18.10
CA TRP B 29 3.59 26.70 16.64
C TRP B 29 4.36 25.40 16.37
N GLN B 30 5.28 25.05 17.27
CA GLN B 30 6.18 23.87 17.09
C GLN B 30 5.34 22.58 17.07
N ASN B 31 4.42 22.44 18.03
CA ASN B 31 3.43 21.34 18.13
C ASN B 31 2.47 21.38 16.92
N VAL B 32 1.84 22.53 16.64
CA VAL B 32 0.81 22.61 15.57
C VAL B 32 1.45 22.25 14.23
N LEU B 33 2.58 22.88 13.89
CA LEU B 33 3.21 22.75 12.56
C LEU B 33 4.13 21.53 12.44
N GLY B 34 4.58 20.96 13.56
CA GLY B 34 5.54 19.84 13.58
C GLY B 34 6.94 20.26 13.19
N ILE B 35 7.34 21.51 13.46
CA ILE B 35 8.72 22.03 13.26
C ILE B 35 9.36 22.08 14.63
N GLU B 36 10.63 21.71 14.73
CA GLU B 36 11.31 21.44 16.03
C GLU B 36 11.65 22.76 16.74
N LYS B 37 12.37 23.63 16.04
CA LYS B 37 12.87 24.90 16.64
C LYS B 37 12.30 26.02 15.77
N ILE B 38 11.39 26.81 16.33
CA ILE B 38 10.76 27.94 15.57
C ILE B 38 11.21 29.24 16.24
N GLY B 39 11.67 30.17 15.43
CA GLY B 39 12.02 31.55 15.84
C GLY B 39 10.84 32.49 15.72
N ILE B 40 10.90 33.60 16.46
CA ILE B 40 9.80 34.60 16.58
C ILE B 40 9.71 35.47 15.32
N ARG B 41 10.60 35.30 14.35
CA ARG B 41 10.46 36.00 13.06
C ARG B 41 10.12 35.02 11.95
N ASP B 42 9.96 33.73 12.26
CA ASP B 42 9.53 32.73 11.25
C ASP B 42 8.10 33.06 10.83
N ASN B 43 7.88 33.11 9.51
CA ASN B 43 6.60 33.44 8.89
C ASN B 43 5.72 32.18 8.89
N PHE B 44 4.52 32.30 9.46
CA PHE B 44 3.54 31.22 9.61
C PHE B 44 3.36 30.47 8.29
N TYR B 45 3.09 31.19 7.19
CA TYR B 45 2.89 30.64 5.81
C TYR B 45 4.16 29.99 5.27
N SER B 46 5.31 30.61 5.48
CA SER B 46 6.62 30.05 5.10
C SER B 46 6.89 28.74 5.86
N LEU B 47 6.31 28.54 7.03
CA LEU B 47 6.49 27.28 7.79
C LEU B 47 5.44 26.26 7.34
N GLY B 48 4.61 26.59 6.33
CA GLY B 48 3.55 25.70 5.77
C GLY B 48 2.18 25.86 6.42
N GLY B 49 2.03 26.86 7.30
CA GLY B 49 0.77 27.19 8.00
C GLY B 49 -0.34 27.61 7.05
N ASP B 50 -1.56 27.12 7.28
CA ASP B 50 -2.79 27.59 6.59
C ASP B 50 -3.83 27.93 7.67
N SER B 51 -5.09 28.21 7.29
CA SER B 51 -6.12 28.68 8.26
C SER B 51 -6.54 27.55 9.19
N ILE B 52 -6.35 26.28 8.83
CA ILE B 52 -6.62 25.19 9.82
C ILE B 52 -5.60 25.27 10.92
N GLN B 53 -4.32 25.45 10.59
CA GLN B 53 -3.27 25.51 11.62
C GLN B 53 -3.46 26.79 12.44
N ALA B 54 -3.91 27.90 11.84
CA ALA B 54 -4.20 29.13 12.62
C ALA B 54 -5.28 28.84 13.68
N ILE B 55 -6.37 28.17 13.29
CA ILE B 55 -7.44 27.71 14.23
C ILE B 55 -6.83 26.82 15.32
N GLN B 56 -5.91 25.93 14.97
CA GLN B 56 -5.29 25.07 16.00
C GLN B 56 -4.42 25.90 16.96
N VAL B 57 -3.78 26.97 16.47
CA VAL B 57 -3.00 27.87 17.37
C VAL B 57 -3.97 28.55 18.36
N VAL B 58 -5.09 29.03 17.89
CA VAL B 58 -6.12 29.71 18.71
C VAL B 58 -6.68 28.76 19.76
N ALA B 59 -7.04 27.55 19.37
CA ALA B 59 -7.52 26.50 20.30
C ALA B 59 -6.46 26.26 21.38
N ARG B 60 -5.19 26.15 21.02
CA ARG B 60 -4.14 25.84 22.04
C ARG B 60 -3.94 27.05 22.95
N LEU B 61 -4.00 28.27 22.40
CA LEU B 61 -3.89 29.50 23.22
C LEU B 61 -5.03 29.51 24.24
N HIS B 62 -6.23 29.13 23.81
CA HIS B 62 -7.45 29.10 24.65
C HIS B 62 -7.21 28.18 25.86
N SER B 63 -6.53 27.05 25.66
CA SER B 63 -6.18 26.12 26.75
C SER B 63 -5.26 26.81 27.77
N TYR B 64 -4.53 27.87 27.40
CA TYR B 64 -3.68 28.69 28.31
C TYR B 64 -4.48 29.89 28.82
N GLN B 65 -5.77 29.93 28.52
CA GLN B 65 -6.72 31.06 28.81
C GLN B 65 -6.23 32.34 28.12
N LEU B 66 -5.68 32.21 26.90
CA LEU B 66 -5.27 33.36 26.06
C LEU B 66 -6.16 33.39 24.81
N LYS B 67 -6.48 34.59 24.37
CA LYS B 67 -7.44 34.85 23.28
C LYS B 67 -6.65 35.42 22.10
N LEU B 68 -6.91 34.91 20.91
CA LEU B 68 -6.37 35.43 19.65
C LEU B 68 -7.45 35.21 18.60
N GLU B 69 -7.65 36.19 17.73
CA GLU B 69 -8.47 36.02 16.51
C GLU B 69 -7.56 35.43 15.43
N THR B 70 -8.10 34.47 14.69
CA THR B 70 -7.40 33.81 13.56
C THR B 70 -6.87 34.89 12.63
N LYS B 71 -7.66 35.93 12.34
CA LYS B 71 -7.24 36.90 11.30
C LYS B 71 -6.02 37.66 11.83
N ASP B 72 -5.81 37.76 13.14
CA ASP B 72 -4.63 38.51 13.66
C ASP B 72 -3.37 37.71 13.31
N LEU B 73 -3.40 36.39 13.52
CA LEU B 73 -2.26 35.51 13.17
C LEU B 73 -2.04 35.60 11.65
N LEU B 74 -3.12 35.57 10.88
CA LEU B 74 -3.02 35.50 9.41
C LEU B 74 -2.56 36.86 8.82
N ASN B 75 -2.84 38.00 9.48
CA ASN B 75 -2.38 39.33 9.00
C ASN B 75 -1.04 39.73 9.63
N TYR B 76 -0.65 39.13 10.77
CA TYR B 76 0.59 39.42 11.53
C TYR B 76 1.36 38.11 11.73
N PRO B 77 1.89 37.51 10.63
CA PRO B 77 2.25 36.09 10.62
C PRO B 77 3.62 35.71 11.20
N THR B 78 4.06 36.39 12.24
CA THR B 78 5.27 36.02 13.01
C THR B 78 4.89 36.09 14.48
N ILE B 79 5.60 35.36 15.30
CA ILE B 79 5.23 35.21 16.73
C ILE B 79 5.41 36.55 17.42
N GLU B 80 6.43 37.32 17.05
CA GLU B 80 6.71 38.62 17.74
C GLU B 80 5.56 39.58 17.42
N GLN B 81 5.05 39.57 16.20
CA GLN B 81 3.91 40.42 15.80
C GLN B 81 2.61 39.94 16.45
N VAL B 82 2.32 38.64 16.40
CA VAL B 82 1.00 38.10 16.80
C VAL B 82 0.87 38.21 18.33
N ALA B 83 1.95 38.02 19.06
CA ALA B 83 1.98 38.22 20.54
C ALA B 83 1.37 39.58 20.93
N LEU B 84 1.50 40.63 20.10
CA LEU B 84 0.98 41.99 20.41
C LEU B 84 -0.55 41.96 20.43
N PHE B 85 -1.21 41.00 19.76
CA PHE B 85 -2.69 40.89 19.66
C PHE B 85 -3.22 39.81 20.58
N VAL B 86 -2.36 39.11 21.32
CA VAL B 86 -2.83 38.10 22.32
C VAL B 86 -3.31 38.84 23.59
N LYS B 87 -4.55 38.57 24.01
CA LYS B 87 -5.22 39.15 25.19
C LYS B 87 -5.62 38.04 26.17
N SER B 88 -5.90 38.37 27.43
CA SER B 88 -6.49 37.41 28.40
C SER B 88 -7.89 37.01 27.94
N THR B 89 -8.25 35.73 28.12
CA THR B 89 -9.61 35.22 27.84
C THR B 89 -10.51 35.85 28.91
N THR B 90 -11.52 36.60 28.48
CA THR B 90 -12.57 37.20 29.33
C THR B 90 -13.67 36.15 29.58
N ARG B 91 -14.07 35.44 28.52
CA ARG B 91 -15.27 34.56 28.51
C ARG B 91 -14.83 33.10 28.66
N LYS B 92 -15.50 32.38 29.53
CA LYS B 92 -15.21 30.96 29.81
C LYS B 92 -16.36 30.19 29.16
N SER B 93 -16.06 29.29 28.23
CA SER B 93 -17.06 28.39 27.62
C SER B 93 -17.60 27.40 28.64
N ASP B 94 -18.77 26.86 28.34
CA ASP B 94 -19.46 25.84 29.16
C ASP B 94 -18.57 24.59 29.21
N GLN B 95 -18.05 24.28 30.41
CA GLN B 95 -17.24 23.08 30.72
C GLN B 95 -18.13 21.90 31.14
N GLY B 96 -19.43 22.10 31.38
CA GLY B 96 -20.29 21.05 31.95
C GLY B 96 -20.76 20.11 30.85
N ILE B 97 -21.61 19.15 31.20
CA ILE B 97 -22.20 18.20 30.22
C ILE B 97 -23.16 18.97 29.34
N ILE B 98 -23.07 18.78 28.03
CA ILE B 98 -24.02 19.40 27.07
C ILE B 98 -25.10 18.38 26.79
N ALA B 99 -26.36 18.83 26.78
CA ALA B 99 -27.55 17.99 26.62
C ALA B 99 -28.68 18.79 25.97
N GLY B 100 -29.49 18.12 25.17
CA GLY B 100 -30.75 18.68 24.68
C GLY B 100 -30.73 18.86 23.18
N ASN B 101 -31.71 19.57 22.65
CA ASN B 101 -31.93 19.69 21.19
C ASN B 101 -30.77 20.48 20.62
N VAL B 102 -30.48 20.23 19.36
CA VAL B 102 -29.46 21.00 18.59
C VAL B 102 -30.06 21.16 17.21
N PRO B 103 -30.33 22.40 16.77
CA PRO B 103 -30.82 22.61 15.41
C PRO B 103 -29.80 22.03 14.43
N LEU B 104 -30.29 21.44 13.36
CA LEU B 104 -29.49 21.06 12.18
C LEU B 104 -28.75 22.30 11.66
N THR B 105 -27.42 22.21 11.54
CA THR B 105 -26.59 23.21 10.83
C THR B 105 -26.75 22.95 9.34
N PRO B 106 -26.24 23.86 8.47
CA PRO B 106 -26.49 23.75 7.04
C PRO B 106 -26.05 22.44 6.39
N ILE B 107 -24.82 22.00 6.65
CA ILE B 107 -24.30 20.75 5.99
C ILE B 107 -25.18 19.58 6.49
N GLN B 108 -25.69 19.63 7.74
CA GLN B 108 -26.54 18.54 8.32
C GLN B 108 -27.91 18.54 7.61
N LYS B 109 -28.47 19.71 7.29
CA LYS B 109 -29.70 19.83 6.46
C LYS B 109 -29.41 19.36 5.02
N TRP B 110 -28.31 19.77 4.43
CA TRP B 110 -27.93 19.19 3.11
C TRP B 110 -27.97 17.66 3.20
N PHE B 111 -27.29 17.11 4.20
CA PHE B 111 -27.13 15.65 4.35
C PHE B 111 -28.49 14.93 4.39
N PHE B 112 -29.32 15.28 5.38
CA PHE B 112 -30.67 14.65 5.52
C PHE B 112 -31.48 14.91 4.23
N GLY B 113 -31.40 16.11 3.65
CA GLY B 113 -32.10 16.45 2.40
C GLY B 113 -31.76 15.52 1.24
N LYS B 114 -30.56 14.94 1.18
CA LYS B 114 -30.17 14.01 0.08
C LYS B 114 -30.94 12.71 0.21
N ASN B 115 -31.46 12.40 1.40
CA ASN B 115 -32.19 11.13 1.65
C ASN B 115 -31.36 9.95 1.13
N PHE B 116 -30.09 9.88 1.51
CA PHE B 116 -29.17 8.82 1.06
C PHE B 116 -29.68 7.44 1.51
N THR B 117 -29.61 6.44 0.64
CA THR B 117 -29.86 5.03 1.00
C THR B 117 -28.79 4.63 2.02
N ASN B 118 -29.21 4.03 3.14
CA ASN B 118 -28.30 3.59 4.23
C ASN B 118 -27.59 4.83 4.79
N THR B 119 -28.37 5.85 5.20
CA THR B 119 -27.87 7.14 5.71
C THR B 119 -27.01 6.93 6.97
N GLY B 120 -27.21 5.85 7.71
CA GLY B 120 -26.36 5.52 8.89
C GLY B 120 -24.93 5.11 8.48
N HIS B 121 -24.70 4.79 7.22
CA HIS B 121 -23.36 4.44 6.69
C HIS B 121 -22.85 5.61 5.83
N TRP B 122 -22.40 6.67 6.47
CA TRP B 122 -21.88 7.90 5.82
C TRP B 122 -20.87 8.47 6.81
N ASN B 123 -19.64 7.98 6.75
CA ASN B 123 -18.69 8.08 7.88
C ASN B 123 -17.39 8.71 7.41
N GLN B 124 -16.59 9.13 8.36
CA GLN B 124 -15.15 9.35 8.22
C GLN B 124 -14.47 8.32 9.12
N SER B 125 -13.24 7.95 8.76
CA SER B 125 -12.46 6.98 9.56
C SER B 125 -10.97 7.20 9.41
N SER B 126 -10.21 6.57 10.29
CA SER B 126 -8.74 6.57 10.22
C SER B 126 -8.26 5.34 10.97
N VAL B 127 -7.02 4.91 10.69
CA VAL B 127 -6.34 3.84 11.48
C VAL B 127 -4.99 4.36 11.94
N LEU B 128 -4.72 4.19 13.23
CA LEU B 128 -3.46 4.53 13.90
C LEU B 128 -2.69 3.22 14.10
N TYR B 129 -1.39 3.34 14.22
CA TYR B 129 -0.49 2.19 14.41
C TYR B 129 0.48 2.52 15.55
N ARG B 130 0.77 1.54 16.38
CA ARG B 130 1.73 1.71 17.49
C ARG B 130 2.60 0.45 17.51
N PRO B 131 3.90 0.57 17.19
CA PRO B 131 4.80 -0.58 17.16
C PRO B 131 4.79 -1.38 18.48
N GLU B 132 4.70 -0.72 19.64
CA GLU B 132 4.73 -1.36 20.98
C GLU B 132 3.36 -1.98 21.30
N GLY B 133 2.35 -1.75 20.46
CA GLY B 133 0.98 -2.24 20.70
C GLY B 133 0.22 -1.28 21.58
N PHE B 134 -1.11 -1.36 21.57
CA PHE B 134 -2.04 -0.52 22.33
C PHE B 134 -2.62 -1.35 23.50
N ASP B 135 -2.62 -0.76 24.70
CA ASP B 135 -3.25 -1.33 25.90
C ASP B 135 -4.75 -1.09 25.81
N PRO B 136 -5.58 -2.12 25.63
CA PRO B 136 -7.01 -1.91 25.37
C PRO B 136 -7.74 -1.23 26.54
N LYS B 137 -7.21 -1.41 27.76
CA LYS B 137 -7.82 -0.84 28.98
C LYS B 137 -7.59 0.69 28.98
N VAL B 138 -6.37 1.13 28.64
CA VAL B 138 -5.99 2.57 28.46
C VAL B 138 -6.82 3.19 27.32
N ILE B 139 -6.97 2.50 26.19
CA ILE B 139 -7.77 2.97 25.02
C ILE B 139 -9.18 3.31 25.52
N GLN B 140 -9.79 2.40 26.29
CA GLN B 140 -11.20 2.52 26.73
C GLN B 140 -11.35 3.63 27.76
N SER B 141 -10.41 3.78 28.69
CA SER B 141 -10.41 4.93 29.62
C SER B 141 -10.31 6.23 28.82
N VAL B 142 -9.39 6.30 27.85
CA VAL B 142 -9.11 7.57 27.12
C VAL B 142 -10.37 7.93 26.32
N MET B 143 -10.93 6.97 25.60
CA MET B 143 -12.13 7.21 24.75
C MET B 143 -13.34 7.58 25.60
N ASP B 144 -13.54 6.95 26.77
CA ASP B 144 -14.53 7.38 27.78
C ASP B 144 -14.39 8.89 28.01
N LYS B 145 -13.20 9.35 28.43
CA LYS B 145 -12.98 10.80 28.68
C LYS B 145 -13.20 11.60 27.38
N ILE B 146 -12.75 11.12 26.23
CA ILE B 146 -12.91 11.87 24.97
C ILE B 146 -14.41 12.05 24.67
N ILE B 147 -15.23 11.00 24.78
CA ILE B 147 -16.66 11.11 24.35
C ILE B 147 -17.45 11.87 25.45
N GLU B 148 -17.01 11.83 26.70
CA GLU B 148 -17.61 12.68 27.76
C GLU B 148 -17.32 14.15 27.43
N HIS B 149 -16.10 14.42 26.95
CA HIS B 149 -15.55 15.78 26.81
C HIS B 149 -16.05 16.43 25.51
N HIS B 150 -16.17 15.64 24.43
CA HIS B 150 -16.53 16.16 23.08
C HIS B 150 -17.99 15.83 22.80
N ASP B 151 -18.85 16.67 23.39
CA ASP B 151 -20.30 16.40 23.61
C ASP B 151 -20.97 16.00 22.31
N ALA B 152 -20.61 16.60 21.17
CA ALA B 152 -21.38 16.36 19.93
C ALA B 152 -21.28 14.89 19.49
N LEU B 153 -20.27 14.15 19.96
CA LEU B 153 -20.07 12.75 19.57
C LEU B 153 -21.22 11.89 20.14
N ARG B 154 -22.02 12.42 21.07
CA ARG B 154 -23.14 11.68 21.73
C ARG B 154 -24.46 12.05 21.06
N MET B 155 -24.45 12.61 19.85
CA MET B 155 -25.68 13.04 19.16
C MET B 155 -26.49 11.82 18.71
N VAL B 156 -27.82 11.98 18.61
CA VAL B 156 -28.75 10.96 18.07
C VAL B 156 -29.79 11.70 17.23
N TYR B 157 -30.44 10.97 16.34
CA TYR B 157 -31.32 11.52 15.29
C TYR B 157 -32.60 10.68 15.23
N GLN B 158 -33.74 11.39 15.30
CA GLN B 158 -35.11 10.81 15.29
C GLN B 158 -36.01 11.65 14.40
N HIS B 159 -37.02 11.03 13.78
CA HIS B 159 -38.17 11.72 13.13
C HIS B 159 -39.20 12.10 14.21
N GLU B 160 -39.70 13.35 14.18
CA GLU B 160 -40.86 13.88 14.96
C GLU B 160 -41.90 14.43 13.97
N ASN B 161 -42.78 13.58 13.44
CA ASN B 161 -43.79 13.94 12.41
C ASN B 161 -43.03 14.27 11.12
N GLY B 162 -42.39 13.25 10.54
CA GLY B 162 -41.62 13.33 9.27
C GLY B 162 -40.68 14.51 9.22
N ASN B 163 -40.08 14.92 10.36
CA ASN B 163 -39.07 16.01 10.49
C ASN B 163 -37.89 15.53 11.33
N VAL B 164 -36.65 15.69 10.84
CA VAL B 164 -35.44 15.17 11.55
C VAL B 164 -35.13 16.08 12.75
N VAL B 165 -35.05 15.47 13.94
CA VAL B 165 -34.70 16.11 15.24
C VAL B 165 -33.34 15.58 15.67
N GLN B 166 -32.48 16.47 16.15
CA GLN B 166 -31.10 16.19 16.55
C GLN B 166 -31.02 16.48 18.04
N HIS B 167 -30.57 15.49 18.80
CA HIS B 167 -30.50 15.57 20.27
C HIS B 167 -29.08 15.17 20.73
N ASN B 168 -28.49 15.99 21.59
CA ASN B 168 -27.19 15.76 22.23
C ASN B 168 -27.46 15.03 23.54
N ARG B 169 -27.20 13.73 23.58
CA ARG B 169 -27.40 12.95 24.83
C ARG B 169 -26.44 13.49 25.87
N GLY B 170 -26.80 13.33 27.15
CA GLY B 170 -25.86 13.56 28.27
C GLY B 170 -24.99 12.34 28.50
N LEU B 171 -24.46 12.17 29.69
CA LEU B 171 -23.57 11.02 30.01
C LEU B 171 -24.42 9.79 30.31
N GLY B 172 -23.75 8.68 30.58
CA GLY B 172 -24.35 7.49 31.22
C GLY B 172 -24.75 6.46 30.20
N GLY B 173 -25.09 6.89 28.97
CA GLY B 173 -25.42 6.00 27.85
C GLY B 173 -24.17 5.41 27.22
N GLN B 174 -24.33 4.74 26.08
CA GLN B 174 -23.23 4.10 25.31
C GLN B 174 -22.41 5.17 24.59
N LEU B 175 -21.15 5.34 24.94
CA LEU B 175 -20.31 6.43 24.37
C LEU B 175 -19.75 6.00 23.01
N TYR B 176 -19.35 4.75 22.90
CA TYR B 176 -18.70 4.18 21.69
C TYR B 176 -18.81 2.67 21.75
N ASP B 177 -18.76 2.03 20.60
CA ASP B 177 -18.62 0.56 20.53
C ASP B 177 -17.14 0.19 20.40
N PHE B 178 -16.63 -0.59 21.33
CA PHE B 178 -15.26 -1.13 21.32
C PHE B 178 -15.24 -2.58 20.83
N PHE B 179 -14.28 -2.89 19.94
CA PHE B 179 -13.98 -4.24 19.40
C PHE B 179 -12.48 -4.51 19.42
N SER B 180 -12.14 -5.76 19.63
CA SER B 180 -10.75 -6.25 19.77
C SER B 180 -10.58 -7.53 18.95
N TYR B 181 -9.49 -7.59 18.19
CA TYR B 181 -9.21 -8.65 17.21
C TYR B 181 -7.76 -9.11 17.44
N ASN B 182 -7.63 -10.38 17.80
CA ASN B 182 -6.32 -11.04 17.96
C ASN B 182 -5.90 -11.58 16.60
N LEU B 183 -4.97 -10.90 15.92
CA LEU B 183 -4.48 -11.28 14.58
C LEU B 183 -3.01 -11.67 14.73
N THR B 184 -2.57 -11.96 15.93
CA THR B 184 -1.14 -12.26 16.23
C THR B 184 -0.67 -13.59 15.63
N ALA B 185 -1.58 -14.46 15.14
CA ALA B 185 -1.24 -15.80 14.62
C ALA B 185 -1.70 -15.96 13.18
N GLN B 186 -1.68 -14.91 12.38
CA GLN B 186 -2.02 -15.08 10.96
C GLN B 186 -1.25 -14.05 10.15
N PRO B 187 -0.87 -14.41 8.91
CA PRO B 187 -0.22 -13.47 8.00
C PRO B 187 -1.13 -12.45 7.28
N ASP B 188 -2.44 -12.69 7.23
CA ASP B 188 -3.42 -11.92 6.42
C ASP B 188 -4.02 -10.74 7.22
N VAL B 189 -3.19 -10.05 7.99
CA VAL B 189 -3.54 -8.86 8.81
C VAL B 189 -4.16 -7.81 7.89
N GLN B 190 -3.55 -7.58 6.73
CA GLN B 190 -3.99 -6.48 5.85
C GLN B 190 -5.44 -6.69 5.40
N GLN B 191 -5.76 -7.87 4.88
CA GLN B 191 -7.13 -8.15 4.37
C GLN B 191 -8.09 -8.23 5.56
N ALA B 192 -7.68 -8.78 6.70
CA ALA B 192 -8.56 -8.91 7.87
C ALA B 192 -8.96 -7.53 8.41
N ILE B 193 -8.04 -6.56 8.49
CA ILE B 193 -8.39 -5.16 8.89
C ILE B 193 -9.37 -4.58 7.84
N GLU B 194 -9.11 -4.73 6.55
CA GLU B 194 -9.99 -4.16 5.52
C GLU B 194 -11.42 -4.74 5.67
N ALA B 195 -11.56 -6.07 5.72
CA ALA B 195 -12.87 -6.73 5.84
C ALA B 195 -13.55 -6.37 7.17
N GLU B 196 -12.85 -6.37 8.30
CA GLU B 196 -13.53 -6.13 9.59
C GLU B 196 -13.94 -4.66 9.71
N THR B 197 -13.09 -3.72 9.33
CA THR B 197 -13.42 -2.27 9.41
C THR B 197 -14.64 -1.99 8.52
N GLN B 198 -14.70 -2.61 7.35
CA GLN B 198 -15.85 -2.48 6.41
C GLN B 198 -17.16 -2.91 7.10
N ARG B 199 -17.16 -4.03 7.83
CA ARG B 199 -18.35 -4.49 8.58
C ARG B 199 -18.66 -3.43 9.64
N LEU B 200 -17.69 -3.01 10.46
CA LEU B 200 -17.95 -2.07 11.59
C LEU B 200 -18.54 -0.74 11.08
N HIS B 201 -18.14 -0.29 9.91
CA HIS B 201 -18.65 0.95 9.25
C HIS B 201 -20.18 0.88 9.03
N SER B 202 -20.73 -0.33 8.83
CA SER B 202 -22.16 -0.63 8.52
C SER B 202 -23.04 -0.56 9.76
N SER B 203 -22.48 -0.38 10.94
CA SER B 203 -23.14 -0.72 12.21
C SER B 203 -23.54 0.55 12.99
N MET B 204 -23.58 1.72 12.34
CA MET B 204 -23.91 2.97 13.08
C MET B 204 -25.42 3.00 13.37
N ASN B 205 -25.82 3.33 14.59
CA ASN B 205 -27.24 3.53 14.93
C ASN B 205 -27.48 5.02 15.20
N LEU B 206 -28.06 5.70 14.23
CA LEU B 206 -28.37 7.15 14.31
C LEU B 206 -29.41 7.44 15.40
N GLN B 207 -30.32 6.49 15.68
CA GLN B 207 -31.44 6.70 16.62
C GLN B 207 -30.96 6.61 18.06
N GLU B 208 -30.01 5.73 18.38
CA GLU B 208 -29.64 5.50 19.79
C GLU B 208 -28.17 5.34 20.00
N GLY B 209 -27.59 4.35 19.29
CA GLY B 209 -26.26 3.75 19.52
C GLY B 209 -25.23 4.85 19.45
N PRO B 210 -23.97 4.53 19.83
CA PRO B 210 -22.91 5.51 19.69
C PRO B 210 -22.70 5.76 18.19
N LEU B 211 -22.13 6.90 17.83
CA LEU B 211 -21.73 7.13 16.43
C LEU B 211 -20.20 7.02 16.34
N VAL B 212 -19.58 6.40 17.34
CA VAL B 212 -18.11 6.14 17.37
C VAL B 212 -17.83 4.63 17.46
N LYS B 213 -17.05 4.11 16.52
CA LYS B 213 -16.60 2.71 16.48
C LYS B 213 -15.10 2.70 16.72
N VAL B 214 -14.64 1.92 17.68
CA VAL B 214 -13.21 1.79 18.04
C VAL B 214 -12.83 0.31 17.98
N ALA B 215 -11.90 -0.06 17.09
CA ALA B 215 -11.42 -1.44 16.97
C ALA B 215 -9.90 -1.50 17.17
N LEU B 216 -9.46 -2.34 18.08
CA LEU B 216 -8.03 -2.65 18.26
C LEU B 216 -7.71 -3.96 17.50
N PHE B 217 -6.82 -3.88 16.50
CA PHE B 217 -6.26 -5.06 15.81
C PHE B 217 -4.85 -5.36 16.32
N GLN B 218 -4.69 -6.44 17.09
CA GLN B 218 -3.39 -6.88 17.65
C GLN B 218 -2.69 -7.80 16.64
N THR B 219 -1.42 -7.53 16.33
CA THR B 219 -0.65 -8.32 15.34
C THR B 219 0.63 -8.78 16.00
N LEU B 220 1.35 -9.67 15.34
CA LEU B 220 2.67 -10.11 15.83
C LEU B 220 3.61 -8.90 15.93
N HIS B 221 3.45 -7.87 15.11
CA HIS B 221 4.36 -6.71 15.03
C HIS B 221 3.58 -5.40 15.09
N GLY B 222 3.18 -5.03 16.30
CA GLY B 222 2.45 -3.80 16.65
C GLY B 222 0.94 -3.97 16.47
N ASP B 223 0.22 -2.93 16.86
CA ASP B 223 -1.27 -2.90 16.88
C ASP B 223 -1.75 -1.73 16.04
N HIS B 224 -2.97 -1.88 15.52
CA HIS B 224 -3.70 -0.87 14.74
C HIS B 224 -4.93 -0.47 15.53
N LEU B 225 -5.21 0.83 15.58
CA LEU B 225 -6.42 1.37 16.19
C LEU B 225 -7.24 2.05 15.11
N PHE B 226 -8.34 1.41 14.76
CA PHE B 226 -9.38 1.87 13.82
C PHE B 226 -10.37 2.76 14.57
N LEU B 227 -10.68 3.92 14.01
CA LEU B 227 -11.73 4.85 14.50
C LEU B 227 -12.65 5.15 13.33
N ALA B 228 -13.95 4.94 13.52
CA ALA B 228 -14.99 5.39 12.58
C ALA B 228 -16.07 6.19 13.33
N ILE B 229 -16.48 7.30 12.72
CA ILE B 229 -17.42 8.30 13.29
C ILE B 229 -18.34 8.71 12.16
N HIS B 230 -19.64 8.63 12.41
CA HIS B 230 -20.64 9.09 11.40
C HIS B 230 -20.33 10.56 11.08
N HIS B 231 -20.40 10.99 9.84
CA HIS B 231 -19.99 12.37 9.47
C HIS B 231 -20.83 13.46 10.19
N LEU B 232 -22.04 13.11 10.68
CA LEU B 232 -22.99 14.10 11.29
C LEU B 232 -22.35 14.78 12.49
N VAL B 233 -21.37 14.15 13.13
CA VAL B 233 -20.80 14.66 14.43
C VAL B 233 -19.28 14.92 14.33
N VAL B 234 -18.71 15.00 13.13
CA VAL B 234 -17.23 15.13 13.02
C VAL B 234 -16.84 15.79 11.70
N ASP B 235 -15.62 16.29 11.65
CA ASP B 235 -15.00 16.86 10.42
C ASP B 235 -13.48 16.80 10.58
N GLY B 236 -12.77 17.34 9.60
CA GLY B 236 -11.31 17.31 9.52
C GLY B 236 -10.65 17.94 10.72
N ILE B 237 -11.12 19.13 11.12
CA ILE B 237 -10.52 19.81 12.30
C ILE B 237 -10.81 18.99 13.56
N SER B 238 -12.00 18.41 13.64
CA SER B 238 -12.45 17.58 14.78
C SER B 238 -11.53 16.37 14.92
N TRP B 239 -11.18 15.72 13.80
CA TRP B 239 -10.25 14.55 13.84
C TRP B 239 -8.91 14.94 14.46
N ARG B 240 -8.41 16.13 14.16
CA ARG B 240 -7.09 16.60 14.66
C ARG B 240 -7.16 16.76 16.18
N ILE B 241 -8.27 17.32 16.67
CA ILE B 241 -8.51 17.49 18.14
C ILE B 241 -8.58 16.09 18.78
N LEU B 242 -9.28 15.17 18.12
CA LEU B 242 -9.40 13.76 18.62
C LEU B 242 -8.02 13.11 18.70
N PHE B 243 -7.19 13.25 17.67
CA PHE B 243 -5.81 12.65 17.66
C PHE B 243 -4.99 13.24 18.83
N GLU B 244 -5.13 14.55 19.03
CA GLU B 244 -4.42 15.31 20.08
C GLU B 244 -4.83 14.77 21.46
N ASP B 245 -6.13 14.65 21.68
CA ASP B 245 -6.68 14.25 22.99
C ASP B 245 -6.38 12.77 23.24
N LEU B 246 -6.39 11.93 22.19
CA LEU B 246 -5.97 10.51 22.32
C LEU B 246 -4.52 10.43 22.78
N ALA B 247 -3.63 11.20 22.17
CA ALA B 247 -2.19 11.23 22.49
C ALA B 247 -2.01 11.70 23.94
N THR B 248 -2.67 12.78 24.32
CA THR B 248 -2.63 13.35 25.69
C THR B 248 -3.15 12.31 26.69
N GLY B 249 -4.35 11.76 26.49
CA GLY B 249 -4.97 10.79 27.41
C GLY B 249 -4.09 9.57 27.59
N TYR B 250 -3.57 9.04 26.48
CA TYR B 250 -2.76 7.82 26.46
C TYR B 250 -1.46 8.11 27.22
N ALA B 251 -0.82 9.28 27.01
CA ALA B 251 0.43 9.64 27.73
C ALA B 251 0.13 9.77 29.24
N GLN B 252 -1.01 10.35 29.61
CA GLN B 252 -1.38 10.50 31.04
C GLN B 252 -1.52 9.11 31.70
N ALA B 253 -2.31 8.21 31.12
CA ALA B 253 -2.45 6.82 31.63
C ALA B 253 -1.06 6.17 31.77
N LEU B 254 -0.18 6.23 30.77
CA LEU B 254 1.20 5.65 30.83
C LEU B 254 1.95 6.20 32.06
N ALA B 255 1.93 7.51 32.30
CA ALA B 255 2.56 8.15 33.47
C ALA B 255 1.71 7.93 34.74
N GLY B 256 0.60 7.18 34.66
CA GLY B 256 -0.33 7.00 35.79
C GLY B 256 -0.86 8.33 36.31
N GLN B 257 -1.12 9.31 35.45
CA GLN B 257 -1.85 10.55 35.83
C GLN B 257 -3.32 10.36 35.50
N ALA B 258 -4.20 11.14 36.14
CA ALA B 258 -5.63 11.25 35.76
C ALA B 258 -5.71 11.70 34.30
N ILE B 259 -6.64 11.13 33.56
CA ILE B 259 -6.86 11.61 32.17
C ILE B 259 -7.58 12.96 32.27
N SER B 260 -7.00 13.99 31.66
CA SER B 260 -7.42 15.41 31.80
C SER B 260 -7.16 16.13 30.47
N LEU B 261 -8.24 16.55 29.80
CA LEU B 261 -8.23 17.15 28.45
C LEU B 261 -8.33 18.66 28.55
N PRO B 262 -7.85 19.47 27.59
CA PRO B 262 -7.88 20.92 27.76
C PRO B 262 -9.33 21.43 27.92
N GLU B 263 -9.49 22.71 28.27
CA GLU B 263 -10.79 23.40 28.42
C GLU B 263 -11.62 23.22 27.15
N LYS B 264 -12.92 23.00 27.33
CA LYS B 264 -13.92 23.02 26.24
C LYS B 264 -14.03 24.43 25.65
N THR B 265 -14.19 24.51 24.34
CA THR B 265 -14.63 25.73 23.63
C THR B 265 -16.15 25.59 23.48
N ASP B 266 -16.81 26.49 22.77
CA ASP B 266 -18.30 26.52 22.78
C ASP B 266 -18.83 25.25 22.14
N SER B 267 -19.92 24.74 22.69
CA SER B 267 -20.59 23.50 22.26
C SER B 267 -21.10 23.66 20.84
N PHE B 268 -21.16 22.55 20.13
CA PHE B 268 -21.86 22.50 18.84
C PHE B 268 -23.30 22.99 19.01
N GLN B 269 -23.94 22.69 20.15
CA GLN B 269 -25.36 23.08 20.44
C GLN B 269 -25.46 24.61 20.38
N SER B 270 -24.64 25.29 21.19
CA SER B 270 -24.58 26.78 21.27
C SER B 270 -24.31 27.35 19.88
N TRP B 271 -23.32 26.79 19.19
CA TRP B 271 -22.90 27.26 17.87
C TRP B 271 -24.08 27.18 16.91
N SER B 272 -24.76 26.04 16.87
CA SER B 272 -25.92 25.82 15.96
C SER B 272 -27.00 26.84 16.27
N GLN B 273 -27.23 27.12 17.56
CA GLN B 273 -28.25 28.10 18.03
C GLN B 273 -27.90 29.50 17.53
N TRP B 274 -26.68 29.98 17.78
CA TRP B 274 -26.18 31.29 17.27
C TRP B 274 -26.32 31.35 15.75
N LEU B 275 -26.11 30.23 15.08
CA LEU B 275 -26.14 30.19 13.61
C LEU B 275 -27.57 30.45 13.14
N GLN B 276 -28.57 29.94 13.87
CA GLN B 276 -29.99 30.09 13.46
C GLN B 276 -30.33 31.59 13.44
N GLU B 277 -29.77 32.36 14.38
CA GLU B 277 -29.90 33.83 14.49
C GLU B 277 -29.12 34.50 13.34
N TYR B 278 -27.85 34.14 13.13
CA TYR B 278 -26.99 34.76 12.09
C TYR B 278 -27.68 34.64 10.72
N ALA B 279 -28.45 33.57 10.51
CA ALA B 279 -29.05 33.22 9.20
C ALA B 279 -30.10 34.25 8.73
N ASN B 280 -30.66 35.07 9.62
CA ASN B 280 -31.68 36.09 9.26
C ASN B 280 -31.20 37.48 9.68
N GLU B 281 -29.88 37.69 9.83
CA GLU B 281 -29.26 38.99 10.15
C GLU B 281 -28.71 39.61 8.86
N ALA B 282 -28.61 40.95 8.87
CA ALA B 282 -28.32 41.82 7.71
C ALA B 282 -26.97 41.44 7.06
N ASP B 283 -25.93 41.17 7.87
CA ASP B 283 -24.58 40.82 7.34
C ASP B 283 -24.73 39.67 6.33
N LEU B 284 -25.41 38.59 6.72
CA LEU B 284 -25.58 37.44 5.82
C LEU B 284 -26.43 37.83 4.62
N LEU B 285 -27.59 38.45 4.86
CA LEU B 285 -28.58 38.73 3.77
C LEU B 285 -27.95 39.65 2.73
N SER B 286 -26.96 40.47 3.10
CA SER B 286 -26.14 41.32 2.19
C SER B 286 -25.46 40.52 1.08
N GLU B 287 -25.17 39.25 1.31
CA GLU B 287 -24.36 38.41 0.37
C GLU B 287 -25.25 37.93 -0.78
N ILE B 288 -26.56 38.09 -0.64
CA ILE B 288 -27.55 37.47 -1.56
C ILE B 288 -27.27 37.88 -3.01
N PRO B 289 -27.12 39.18 -3.36
CA PRO B 289 -26.78 39.58 -4.74
C PRO B 289 -25.52 38.88 -5.27
N TYR B 290 -24.47 38.75 -4.45
CA TYR B 290 -23.25 38.02 -4.83
C TYR B 290 -23.61 36.57 -5.20
N TRP B 291 -24.33 35.88 -4.31
CA TRP B 291 -24.68 34.44 -4.50
C TRP B 291 -25.65 34.25 -5.69
N GLU B 292 -26.65 35.14 -5.88
CA GLU B 292 -27.61 35.05 -7.03
C GLU B 292 -26.83 35.36 -8.32
N SER B 293 -25.80 36.19 -8.27
CA SER B 293 -24.90 36.41 -9.44
C SER B 293 -24.18 35.14 -9.81
N LEU B 294 -23.66 34.40 -8.82
CA LEU B 294 -22.91 33.14 -9.04
C LEU B 294 -23.87 32.09 -9.60
N GLU B 295 -25.07 31.98 -9.02
CA GLU B 295 -26.10 31.02 -9.48
C GLU B 295 -26.41 31.30 -10.95
N SER B 296 -26.56 32.57 -11.33
CA SER B 296 -26.83 32.97 -12.73
C SER B 296 -25.73 32.38 -13.63
N GLN B 297 -24.47 32.70 -13.40
CA GLN B 297 -23.32 32.21 -14.25
C GLN B 297 -23.30 30.68 -14.28
N ALA B 298 -23.62 30.02 -13.15
CA ALA B 298 -23.55 28.55 -13.01
C ALA B 298 -24.62 27.87 -13.87
N LYS B 299 -25.76 28.52 -14.14
CA LYS B 299 -26.87 27.88 -14.91
C LYS B 299 -26.38 27.41 -16.28
N ASN B 300 -25.33 28.03 -16.80
CA ASN B 300 -24.88 27.84 -18.20
C ASN B 300 -23.91 26.65 -18.30
N VAL B 301 -23.39 26.17 -17.17
CA VAL B 301 -22.27 25.19 -17.16
C VAL B 301 -22.83 23.78 -16.95
N SER B 302 -22.62 22.92 -17.92
CA SER B 302 -22.92 21.47 -17.85
C SER B 302 -21.60 20.72 -18.05
N LEU B 303 -21.18 19.94 -17.06
CA LEU B 303 -19.96 19.10 -17.16
C LEU B 303 -20.23 17.99 -18.15
N PRO B 304 -19.43 17.84 -19.22
CA PRO B 304 -19.60 16.71 -20.15
C PRO B 304 -19.32 15.38 -19.43
N LYS B 305 -20.03 14.32 -19.81
CA LYS B 305 -19.90 12.94 -19.27
C LYS B 305 -19.78 11.98 -20.44
N ASP B 306 -18.92 10.96 -20.38
CA ASP B 306 -18.74 10.01 -21.51
C ASP B 306 -20.06 9.26 -21.78
N TYR B 307 -20.85 9.00 -20.75
CA TYR B 307 -22.17 8.33 -20.83
C TYR B 307 -23.18 9.17 -20.05
N GLU B 308 -24.34 9.45 -20.64
CA GLU B 308 -25.42 10.17 -19.95
C GLU B 308 -26.20 9.11 -19.17
N VAL B 309 -25.92 9.02 -17.88
CA VAL B 309 -26.46 7.95 -16.98
C VAL B 309 -26.98 8.60 -15.71
N THR B 310 -28.05 8.01 -15.20
CA THR B 310 -28.93 8.49 -14.13
C THR B 310 -28.54 7.73 -12.84
N ASP B 311 -28.88 8.27 -11.66
CA ASP B 311 -28.92 7.56 -10.35
C ASP B 311 -27.75 6.56 -10.18
N CYS B 312 -26.49 7.05 -10.19
CA CYS B 312 -25.27 6.24 -9.95
C CYS B 312 -25.14 5.96 -8.45
N LYS B 313 -24.49 4.85 -8.10
CA LYS B 313 -24.31 4.40 -6.70
C LYS B 313 -22.82 4.25 -6.40
N GLN B 314 -22.46 4.30 -5.13
CA GLN B 314 -21.04 4.31 -4.69
C GLN B 314 -20.33 3.07 -5.23
N LYS B 315 -21.01 1.92 -5.36
CA LYS B 315 -20.38 0.69 -5.87
C LYS B 315 -19.82 0.92 -7.28
N SER B 316 -20.38 1.84 -8.07
CA SER B 316 -19.82 2.21 -9.39
C SER B 316 -18.58 3.11 -9.24
N VAL B 317 -18.29 3.63 -8.04
CA VAL B 317 -17.24 4.68 -7.92
C VAL B 317 -15.87 4.04 -7.94
N ARG B 318 -14.96 4.64 -8.69
CA ARG B 318 -13.53 4.25 -8.84
C ARG B 318 -12.69 5.48 -8.45
N ASN B 319 -11.56 5.23 -7.81
CA ASN B 319 -10.65 6.26 -7.27
C ASN B 319 -9.39 6.28 -8.11
N MET B 320 -9.07 7.40 -8.71
CA MET B 320 -7.79 7.53 -9.42
C MET B 320 -6.93 8.60 -8.74
N ARG B 321 -5.71 8.25 -8.35
CA ARG B 321 -4.90 9.12 -7.46
C ARG B 321 -3.64 9.62 -8.15
N ILE B 322 -3.25 10.84 -7.80
CA ILE B 322 -1.94 11.41 -8.15
C ILE B 322 -1.31 11.84 -6.83
N ARG B 323 0.01 11.77 -6.79
CA ARG B 323 0.79 12.26 -5.65
C ARG B 323 1.85 13.21 -6.17
N LEU B 324 2.06 14.29 -5.42
CA LEU B 324 3.27 15.13 -5.53
C LEU B 324 4.26 14.53 -4.54
N HIS B 325 5.49 14.32 -4.96
CA HIS B 325 6.57 13.84 -4.06
C HIS B 325 6.84 14.88 -3.01
N PRO B 326 7.53 14.51 -1.92
CA PRO B 326 7.76 15.43 -0.81
C PRO B 326 8.40 16.78 -1.16
N GLU B 327 9.32 16.81 -2.12
CA GLU B 327 10.13 18.02 -2.43
C GLU B 327 9.16 19.03 -3.07
N GLU B 328 8.35 18.58 -4.03
CA GLU B 328 7.32 19.40 -4.72
C GLU B 328 6.23 19.83 -3.73
N THR B 329 5.80 18.91 -2.87
CA THR B 329 4.79 19.19 -1.82
C THR B 329 5.31 20.27 -0.90
N GLU B 330 6.55 20.14 -0.46
CA GLU B 330 7.16 21.13 0.44
C GLU B 330 7.26 22.49 -0.26
N GLN B 331 7.54 22.53 -1.56
CA GLN B 331 7.65 23.81 -2.30
C GLN B 331 6.27 24.46 -2.34
N LEU B 332 5.24 23.69 -2.66
CA LEU B 332 3.82 24.16 -2.73
C LEU B 332 3.38 24.78 -1.41
N LEU B 333 3.63 24.10 -0.30
CA LEU B 333 3.12 24.47 1.04
C LEU B 333 3.91 25.65 1.60
N LYS B 334 5.18 25.81 1.23
CA LYS B 334 6.10 26.69 1.99
C LYS B 334 6.73 27.80 1.14
N HIS B 335 6.86 27.66 -0.19
CA HIS B 335 7.69 28.59 -0.99
C HIS B 335 6.93 29.14 -2.20
N ALA B 336 5.75 28.63 -2.55
CA ALA B 336 5.06 28.98 -3.81
C ALA B 336 4.16 30.22 -3.62
N ASN B 337 3.59 30.42 -2.43
CA ASN B 337 2.58 31.47 -2.15
C ASN B 337 3.25 32.85 -2.16
N GLN B 338 4.55 32.93 -1.86
CA GLN B 338 5.38 34.18 -1.85
C GLN B 338 5.24 34.90 -3.19
N ALA B 339 5.27 34.15 -4.30
CA ALA B 339 5.38 34.70 -5.66
C ALA B 339 4.30 35.80 -5.85
N TYR B 340 3.04 35.50 -5.59
CA TYR B 340 1.91 36.43 -5.84
C TYR B 340 1.07 36.64 -4.58
N GLN B 341 1.69 36.46 -3.41
CA GLN B 341 1.06 36.60 -2.08
C GLN B 341 -0.29 35.86 -2.07
N THR B 342 -0.30 34.58 -2.49
CA THR B 342 -1.53 33.74 -2.59
C THR B 342 -1.71 32.95 -1.29
N GLU B 343 -2.86 32.29 -1.17
CA GLU B 343 -3.13 31.17 -0.22
C GLU B 343 -3.16 29.87 -1.02
N ILE B 344 -2.98 28.74 -0.35
CA ILE B 344 -2.84 27.40 -1.03
C ILE B 344 -4.03 27.12 -1.96
N ASN B 345 -5.26 27.42 -1.58
CA ASN B 345 -6.44 27.18 -2.45
C ASN B 345 -6.31 27.90 -3.79
N ASP B 346 -5.71 29.11 -3.80
CA ASP B 346 -5.44 29.85 -5.05
C ASP B 346 -4.64 28.95 -6.01
N LEU B 347 -3.56 28.36 -5.53
CA LEU B 347 -2.68 27.59 -6.42
C LEU B 347 -3.35 26.27 -6.85
N LEU B 348 -4.11 25.63 -5.95
CA LEU B 348 -4.80 24.34 -6.20
C LEU B 348 -5.91 24.57 -7.22
N LEU B 349 -6.61 25.72 -7.12
CA LEU B 349 -7.74 25.99 -8.04
C LEU B 349 -7.22 26.53 -9.36
N ALA B 350 -6.15 27.30 -9.36
CA ALA B 350 -5.49 27.67 -10.62
C ALA B 350 -5.20 26.37 -11.41
N ALA B 351 -4.67 25.33 -10.74
CA ALA B 351 -4.30 24.07 -11.41
C ALA B 351 -5.57 23.41 -11.92
N LEU B 352 -6.63 23.43 -11.10
CA LEU B 352 -7.93 22.85 -11.48
C LEU B 352 -8.45 23.53 -12.74
N GLY B 353 -8.38 24.86 -12.77
CA GLY B 353 -8.83 25.65 -13.93
C GLY B 353 -8.07 25.23 -15.18
N LEU B 354 -6.74 25.19 -15.11
CA LEU B 354 -5.89 24.80 -16.27
C LEU B 354 -6.19 23.35 -16.69
N ALA B 355 -6.42 22.46 -15.73
CA ALA B 355 -6.76 21.06 -16.00
C ALA B 355 -8.08 21.00 -16.78
N PHE B 356 -9.13 21.67 -16.29
CA PHE B 356 -10.47 21.64 -16.93
C PHE B 356 -10.44 22.36 -18.28
N ALA B 357 -9.62 23.41 -18.42
CA ALA B 357 -9.42 24.15 -19.69
C ALA B 357 -8.83 23.19 -20.73
N GLU B 358 -7.81 22.41 -20.35
CA GLU B 358 -7.16 21.46 -21.28
C GLU B 358 -8.11 20.30 -21.57
N TRP B 359 -8.85 19.81 -20.58
CA TRP B 359 -9.58 18.52 -20.67
C TRP B 359 -10.96 18.67 -21.31
N SER B 360 -11.59 19.84 -21.19
CA SER B 360 -12.99 20.08 -21.65
C SER B 360 -13.03 21.20 -22.70
N LYS B 361 -14.14 21.30 -23.43
CA LYS B 361 -14.43 22.40 -24.37
C LYS B 361 -15.07 23.59 -23.64
N LEU B 362 -15.23 23.55 -22.31
CA LEU B 362 -16.01 24.55 -21.56
C LEU B 362 -15.23 25.86 -21.40
N ALA B 363 -15.94 26.99 -21.40
CA ALA B 363 -15.39 28.35 -21.18
C ALA B 363 -15.25 28.60 -19.67
N GLN B 364 -16.07 27.94 -18.86
CA GLN B 364 -16.10 28.10 -17.39
C GLN B 364 -16.47 26.76 -16.76
N ILE B 365 -16.00 26.51 -15.54
CA ILE B 365 -16.40 25.32 -14.77
C ILE B 365 -16.88 25.80 -13.40
N VAL B 366 -17.96 25.20 -12.92
CA VAL B 366 -18.48 25.44 -11.55
C VAL B 366 -17.95 24.34 -10.67
N ILE B 367 -17.20 24.67 -9.62
CA ILE B 367 -16.76 23.65 -8.63
C ILE B 367 -17.42 23.98 -7.29
N HIS B 368 -17.87 22.95 -6.59
CA HIS B 368 -18.25 23.03 -5.16
C HIS B 368 -16.97 22.91 -4.33
N LEU B 369 -16.52 24.01 -3.77
CA LEU B 369 -15.36 24.07 -2.88
C LEU B 369 -15.83 23.79 -1.45
N ALA B 370 -15.10 22.95 -0.74
CA ALA B 370 -15.31 22.71 0.69
C ALA B 370 -14.39 23.63 1.48
N GLY B 371 -14.85 24.08 2.63
CA GLY B 371 -14.04 24.81 3.60
C GLY B 371 -14.33 24.35 5.00
N HIS B 372 -13.45 24.66 5.95
CA HIS B 372 -13.54 24.17 7.35
C HIS B 372 -14.77 24.75 8.03
N GLY B 373 -15.21 25.94 7.63
CA GLY B 373 -16.50 26.50 8.03
C GLY B 373 -16.46 27.20 9.36
N ARG B 374 -15.30 27.28 10.00
CA ARG B 374 -15.14 27.86 11.36
C ARG B 374 -14.72 29.33 11.20
N GLU B 375 -15.51 30.06 10.42
CA GLU B 375 -15.31 31.50 10.12
C GLU B 375 -15.83 32.34 11.30
N ASP B 376 -15.24 33.50 11.49
CA ASP B 376 -15.55 34.40 12.64
C ASP B 376 -16.80 35.24 12.30
N ILE B 377 -17.93 34.60 12.06
CA ILE B 377 -19.23 35.21 11.65
C ILE B 377 -20.03 35.63 12.89
N ILE B 378 -19.72 35.09 14.08
CA ILE B 378 -20.55 35.29 15.30
C ILE B 378 -19.61 35.75 16.41
N GLU B 379 -19.73 36.99 16.87
CA GLU B 379 -18.61 37.63 17.61
C GLU B 379 -18.45 36.95 18.97
N GLN B 380 -19.55 36.55 19.60
CA GLN B 380 -19.49 35.76 20.87
C GLN B 380 -18.72 34.43 20.65
N ALA B 381 -18.76 33.81 19.47
CA ALA B 381 -18.51 32.36 19.27
C ALA B 381 -17.03 31.98 19.30
N ASN B 382 -16.69 30.88 19.95
CA ASN B 382 -15.34 30.28 19.87
C ASN B 382 -15.49 28.76 19.71
N VAL B 383 -15.30 28.26 18.48
CA VAL B 383 -15.39 26.80 18.15
C VAL B 383 -14.04 26.26 17.71
N ALA B 384 -12.95 26.89 18.15
CA ALA B 384 -11.60 26.53 17.70
C ALA B 384 -11.26 25.10 18.16
N ARG B 385 -11.85 24.62 19.28
CA ARG B 385 -11.56 23.25 19.77
C ARG B 385 -12.84 22.42 19.91
N THR B 386 -13.83 22.67 19.06
CA THR B 386 -15.13 21.99 19.17
C THR B 386 -15.22 20.88 18.13
N VAL B 387 -15.63 19.69 18.58
CA VAL B 387 -15.92 18.52 17.69
C VAL B 387 -17.32 18.68 17.11
N GLY B 388 -17.42 18.55 15.80
CA GLY B 388 -18.68 18.61 15.08
C GLY B 388 -18.40 18.68 13.62
N TRP B 389 -19.47 18.62 12.85
CA TRP B 389 -19.47 18.82 11.39
C TRP B 389 -19.74 20.30 11.10
N PHE B 390 -18.68 21.09 10.89
CA PHE B 390 -18.73 22.54 10.58
C PHE B 390 -18.58 22.83 9.09
N THR B 391 -18.15 21.83 8.33
CA THR B 391 -17.75 21.98 6.90
C THR B 391 -18.74 22.89 6.17
N SER B 392 -18.23 23.83 5.36
CA SER B 392 -19.02 24.67 4.43
C SER B 392 -18.84 24.11 3.03
N GLN B 393 -19.79 24.35 2.15
CA GLN B 393 -19.65 24.03 0.71
C GLN B 393 -20.28 25.19 -0.07
N TYR B 394 -19.58 25.61 -1.11
CA TYR B 394 -20.04 26.78 -1.91
C TYR B 394 -19.51 26.66 -3.32
N PRO B 395 -20.31 27.18 -4.28
CA PRO B 395 -19.91 27.23 -5.66
C PRO B 395 -18.85 28.31 -5.86
N VAL B 396 -17.88 27.97 -6.70
CA VAL B 396 -16.80 28.84 -7.20
C VAL B 396 -16.78 28.66 -8.72
N LEU B 397 -16.61 29.75 -9.44
CA LEU B 397 -16.69 29.75 -10.92
C LEU B 397 -15.28 29.96 -11.48
N LEU B 398 -14.73 28.99 -12.19
CA LEU B 398 -13.34 29.13 -12.68
C LEU B 398 -13.42 29.51 -14.15
N ASP B 399 -12.73 30.56 -14.51
CA ASP B 399 -12.53 31.01 -15.89
C ASP B 399 -11.61 30.00 -16.59
N LEU B 400 -12.06 29.39 -17.69
CA LEU B 400 -11.22 28.45 -18.47
C LEU B 400 -10.72 29.10 -19.78
N LYS B 401 -10.95 30.39 -19.99
CA LYS B 401 -10.66 31.06 -21.28
C LYS B 401 -9.39 31.93 -21.12
N GLN B 402 -9.25 32.65 -20.01
CA GLN B 402 -8.13 33.61 -19.80
C GLN B 402 -6.92 32.89 -19.18
N THR B 403 -6.47 31.76 -19.72
CA THR B 403 -5.53 30.84 -19.01
C THR B 403 -4.06 31.16 -19.24
N ALA B 404 -3.69 32.17 -20.03
CA ALA B 404 -2.26 32.51 -20.29
C ALA B 404 -2.12 34.03 -20.36
N PRO B 405 -1.01 34.63 -19.87
CA PRO B 405 0.08 33.89 -19.25
C PRO B 405 -0.28 33.31 -17.87
N LEU B 406 0.54 32.36 -17.43
CA LEU B 406 0.32 31.60 -16.18
C LEU B 406 0.24 32.58 -14.99
N SER B 407 1.11 33.59 -14.95
CA SER B 407 1.18 34.63 -13.88
C SER B 407 -0.18 35.34 -13.80
N ASP B 408 -0.75 35.73 -14.94
CA ASP B 408 -2.08 36.38 -14.99
C ASP B 408 -3.13 35.41 -14.45
N TYR B 409 -3.05 34.12 -14.81
CA TYR B 409 -4.07 33.13 -14.39
C TYR B 409 -4.02 32.91 -12.86
N ILE B 410 -2.83 32.91 -12.26
CA ILE B 410 -2.67 32.78 -10.78
C ILE B 410 -3.28 34.01 -10.10
N LYS B 411 -2.90 35.22 -10.53
CA LYS B 411 -3.49 36.52 -10.06
C LYS B 411 -5.01 36.52 -10.27
N LEU B 412 -5.50 36.08 -11.42
CA LEU B 412 -6.96 36.04 -11.71
C LEU B 412 -7.68 35.07 -10.75
N THR B 413 -7.06 33.93 -10.43
CA THR B 413 -7.63 32.93 -9.50
C THR B 413 -7.72 33.58 -8.12
N LYS B 414 -6.63 34.24 -7.73
CA LYS B 414 -6.53 34.91 -6.40
C LYS B 414 -7.61 35.98 -6.29
N GLU B 415 -7.78 36.80 -7.34
CA GLU B 415 -8.75 37.91 -7.33
C GLU B 415 -10.16 37.30 -7.21
N ASN B 416 -10.44 36.23 -7.95
CA ASN B 416 -11.74 35.49 -7.93
C ASN B 416 -12.00 35.07 -6.49
N MET B 417 -11.04 34.43 -5.86
CA MET B 417 -11.16 33.93 -4.47
C MET B 417 -11.33 35.13 -3.53
N ARG B 418 -10.68 36.27 -3.78
CA ARG B 418 -10.72 37.40 -2.81
C ARG B 418 -12.10 38.08 -2.78
N LYS B 419 -12.90 38.00 -3.84
CA LYS B 419 -14.24 38.63 -3.91
C LYS B 419 -15.30 37.76 -3.22
N ILE B 420 -14.99 36.51 -2.81
CA ILE B 420 -15.98 35.64 -2.13
C ILE B 420 -16.22 36.22 -0.75
N PRO B 421 -17.47 36.47 -0.34
CA PRO B 421 -17.75 36.91 1.02
C PRO B 421 -17.46 35.81 2.05
N ARG B 422 -16.78 36.18 3.12
CA ARG B 422 -16.49 35.41 4.37
C ARG B 422 -16.23 33.94 4.08
N LYS B 423 -15.34 33.64 3.12
CA LYS B 423 -14.79 32.27 2.82
C LYS B 423 -15.93 31.33 2.46
N GLY B 424 -17.01 31.87 1.88
CA GLY B 424 -18.16 31.14 1.31
C GLY B 424 -19.10 30.55 2.34
N ILE B 425 -18.88 30.77 3.64
CA ILE B 425 -19.75 30.10 4.65
C ILE B 425 -21.21 30.49 4.42
N GLY B 426 -21.46 31.67 3.82
CA GLY B 426 -22.83 32.25 3.74
C GLY B 426 -23.75 31.44 2.86
N TYR B 427 -23.24 30.84 1.80
CA TYR B 427 -24.09 30.29 0.74
C TYR B 427 -25.03 29.21 1.31
N ASP B 428 -24.46 28.26 2.07
CA ASP B 428 -25.20 27.11 2.63
C ASP B 428 -26.20 27.58 3.70
N ILE B 429 -25.80 28.54 4.51
CA ILE B 429 -26.68 29.15 5.54
C ILE B 429 -27.90 29.74 4.81
N LEU B 430 -27.68 30.51 3.73
CA LEU B 430 -28.76 31.07 2.88
C LEU B 430 -29.59 29.92 2.29
N LYS B 431 -28.95 28.83 1.88
CA LYS B 431 -29.64 27.70 1.18
C LYS B 431 -30.52 26.88 2.15
N HIS B 432 -30.13 26.70 3.39
CA HIS B 432 -30.72 25.61 4.21
C HIS B 432 -31.26 26.12 5.53
N VAL B 433 -30.79 27.26 6.04
CA VAL B 433 -31.15 27.71 7.41
C VAL B 433 -31.91 29.04 7.37
N THR B 434 -31.50 30.00 6.54
CA THR B 434 -32.20 31.31 6.36
C THR B 434 -33.68 31.05 6.02
N LEU B 435 -34.60 31.72 6.72
CA LEU B 435 -36.07 31.61 6.50
C LEU B 435 -36.36 31.87 5.02
N PRO B 436 -37.23 31.03 4.39
CA PRO B 436 -37.61 31.23 2.99
C PRO B 436 -38.06 32.66 2.62
N GLU B 437 -38.67 33.38 3.58
CA GLU B 437 -39.14 34.78 3.36
C GLU B 437 -37.95 35.74 3.18
N ASN B 438 -36.73 35.34 3.55
CA ASN B 438 -35.51 36.21 3.47
C ASN B 438 -34.56 35.74 2.36
N ARG B 439 -34.89 34.68 1.62
CA ARG B 439 -33.91 33.95 0.75
C ARG B 439 -33.73 34.63 -0.62
N GLY B 440 -34.38 35.76 -0.90
CA GLY B 440 -34.35 36.40 -2.24
C GLY B 440 -35.09 35.54 -3.25
N SER B 441 -34.70 35.51 -4.53
CA SER B 441 -35.23 34.50 -5.49
C SER B 441 -34.19 33.41 -5.76
N LEU B 442 -33.18 33.24 -4.89
CA LEU B 442 -32.10 32.21 -5.02
C LEU B 442 -32.73 30.85 -5.35
N SER B 443 -32.30 30.23 -6.45
CA SER B 443 -32.89 29.00 -7.02
C SER B 443 -32.30 27.76 -6.33
N PHE B 444 -31.03 27.82 -5.93
CA PHE B 444 -30.21 26.68 -5.44
C PHE B 444 -30.27 25.51 -6.43
N ARG B 445 -30.52 25.81 -7.71
CA ARG B 445 -30.57 24.84 -8.84
C ARG B 445 -29.15 24.44 -9.25
N VAL B 446 -28.13 25.09 -8.66
CA VAL B 446 -26.68 24.85 -8.96
C VAL B 446 -26.28 23.52 -8.32
N GLN B 447 -26.30 22.46 -9.11
CA GLN B 447 -26.01 21.07 -8.66
C GLN B 447 -24.50 20.91 -8.52
N PRO B 448 -24.00 20.16 -7.52
CA PRO B 448 -22.60 19.72 -7.53
C PRO B 448 -22.38 18.75 -8.70
N GLU B 449 -21.55 19.15 -9.65
CA GLU B 449 -20.98 18.24 -10.67
C GLU B 449 -19.51 17.95 -10.36
N VAL B 450 -18.77 18.96 -9.93
CA VAL B 450 -17.33 18.86 -9.60
C VAL B 450 -17.19 19.36 -8.18
N THR B 451 -16.67 18.52 -7.29
CA THR B 451 -16.37 18.91 -5.90
C THR B 451 -14.85 18.94 -5.73
N PHE B 452 -14.35 19.95 -5.05
CA PHE B 452 -12.92 20.03 -4.69
C PHE B 452 -12.85 20.25 -3.19
N ASN B 453 -12.17 19.33 -2.53
CA ASN B 453 -12.15 19.20 -1.06
C ASN B 453 -10.71 18.92 -0.65
N TYR B 454 -9.94 19.99 -0.42
CA TYR B 454 -8.58 19.91 0.15
C TYR B 454 -8.69 19.97 1.67
N LEU B 455 -8.50 18.80 2.32
CA LEU B 455 -8.70 18.63 3.77
C LEU B 455 -7.56 19.26 4.54
N GLY B 456 -6.45 19.56 3.84
CA GLY B 456 -5.28 20.17 4.49
C GLY B 456 -4.28 19.11 4.95
N GLN B 457 -3.51 19.48 5.94
CA GLN B 457 -2.31 18.75 6.43
C GLN B 457 -2.68 17.94 7.65
N PHE B 458 -2.16 16.69 7.75
CA PHE B 458 -2.43 15.82 8.93
C PHE B 458 -1.18 15.19 9.54
N ASP B 459 0.02 15.38 8.99
CA ASP B 459 1.20 14.64 9.52
C ASP B 459 1.47 15.04 10.97
N ALA B 460 1.43 16.31 11.35
CA ALA B 460 1.73 16.74 12.74
C ALA B 460 0.66 16.22 13.71
N ASP B 461 -0.54 15.98 13.18
CA ASP B 461 -1.71 15.53 13.97
C ASP B 461 -1.65 14.01 14.22
N MET B 462 -1.32 13.22 13.19
CA MET B 462 -1.43 11.75 13.23
C MET B 462 -0.11 11.12 13.66
N ARG B 463 1.03 11.70 13.23
CA ARG B 463 2.38 11.22 13.56
C ARG B 463 2.80 11.87 14.88
N THR B 464 2.75 11.12 15.99
CA THR B 464 2.99 11.55 17.39
C THR B 464 4.08 10.66 18.02
N GLU B 465 4.53 11.01 19.23
CA GLU B 465 5.43 10.14 20.00
C GLU B 465 4.78 8.76 20.18
N LEU B 466 3.47 8.67 20.35
CA LEU B 466 2.81 7.43 20.86
C LEU B 466 2.31 6.55 19.70
N PHE B 467 2.02 7.13 18.55
CA PHE B 467 1.33 6.41 17.47
C PHE B 467 1.56 7.19 16.18
N THR B 468 1.13 6.61 15.08
CA THR B 468 1.28 7.23 13.76
C THR B 468 0.15 6.71 12.89
N ARG B 469 0.04 7.24 11.69
CA ARG B 469 -0.92 6.79 10.67
C ARG B 469 -0.54 5.38 10.27
N SER B 470 -1.50 4.47 10.28
CA SER B 470 -1.29 3.05 9.93
C SER B 470 -1.04 2.95 8.42
N PRO B 471 -0.05 2.15 7.99
CA PRO B 471 0.08 1.83 6.56
C PRO B 471 -1.11 0.98 6.08
N TYR B 472 -1.91 0.41 6.98
CA TYR B 472 -3.11 -0.40 6.56
C TYR B 472 -4.41 0.39 6.80
N SER B 473 -4.38 1.70 6.58
CA SER B 473 -5.59 2.55 6.63
C SER B 473 -6.58 2.01 5.57
N GLY B 474 -6.09 1.60 4.40
CA GLY B 474 -6.89 1.07 3.28
C GLY B 474 -8.09 1.94 2.96
N GLY B 475 -9.32 1.41 3.05
CA GLY B 475 -10.53 2.11 2.61
C GLY B 475 -11.10 3.00 3.72
N ASN B 476 -10.36 3.14 4.82
CA ASN B 476 -10.74 3.94 6.02
C ASN B 476 -10.00 5.28 6.00
N THR B 477 -10.62 6.31 5.45
CA THR B 477 -9.97 7.64 5.21
C THR B 477 -10.87 8.77 5.71
N LEU B 478 -10.26 9.94 5.84
CA LEU B 478 -10.93 11.20 6.23
C LEU B 478 -11.58 11.82 5.00
N GLY B 479 -11.12 11.51 3.78
CA GLY B 479 -11.73 11.97 2.52
C GLY B 479 -12.88 11.07 2.09
N ALA B 480 -13.61 11.45 1.04
CA ALA B 480 -14.73 10.70 0.45
C ALA B 480 -14.21 9.56 -0.42
N ASP B 481 -12.91 9.48 -0.62
CA ASP B 481 -12.27 8.47 -1.48
C ASP B 481 -12.27 7.10 -0.78
N GLY B 482 -12.18 7.07 0.56
CA GLY B 482 -12.21 5.81 1.33
C GLY B 482 -13.46 4.99 1.04
N LYS B 483 -13.29 3.84 0.36
CA LYS B 483 -14.43 2.98 -0.04
C LYS B 483 -15.25 2.47 1.16
N ASN B 484 -14.70 2.40 2.38
CA ASN B 484 -15.43 1.83 3.54
C ASN B 484 -16.41 2.85 4.14
N ASN B 485 -16.22 4.16 3.93
CA ASN B 485 -16.95 5.20 4.69
C ASN B 485 -18.43 5.24 4.32
N LEU B 486 -18.76 4.89 3.09
CA LEU B 486 -20.08 5.02 2.43
C LEU B 486 -20.59 3.61 2.08
N SER B 487 -21.89 3.40 2.14
CA SER B 487 -22.56 2.15 1.69
C SER B 487 -22.43 2.08 0.18
N PRO B 488 -22.11 0.90 -0.37
CA PRO B 488 -22.15 0.71 -1.82
C PRO B 488 -23.51 1.10 -2.43
N GLU B 489 -24.58 1.14 -1.64
CA GLU B 489 -25.93 1.54 -2.12
C GLU B 489 -26.12 3.06 -2.04
N SER B 490 -25.22 3.81 -1.41
CA SER B 490 -25.31 5.28 -1.29
C SER B 490 -25.30 5.84 -2.71
N GLU B 491 -26.13 6.83 -2.98
CA GLU B 491 -26.16 7.61 -4.25
C GLU B 491 -24.89 8.44 -4.35
N VAL B 492 -24.30 8.56 -5.54
CA VAL B 492 -23.21 9.54 -5.80
C VAL B 492 -23.85 10.93 -5.86
N TYR B 493 -23.32 11.89 -5.11
CA TYR B 493 -23.88 13.25 -4.99
C TYR B 493 -23.08 14.22 -5.88
N THR B 494 -22.04 13.74 -6.57
CA THR B 494 -21.16 14.56 -7.43
C THR B 494 -20.48 13.64 -8.46
N ALA B 495 -20.48 14.04 -9.72
CA ALA B 495 -19.91 13.28 -10.85
C ALA B 495 -18.39 13.10 -10.67
N LEU B 496 -17.69 14.17 -10.33
CA LEU B 496 -16.23 14.17 -10.07
C LEU B 496 -15.97 14.72 -8.67
N ASN B 497 -15.48 13.86 -7.78
CA ASN B 497 -15.16 14.21 -6.38
C ASN B 497 -13.63 14.22 -6.29
N ILE B 498 -13.06 15.39 -6.08
CA ILE B 498 -11.59 15.59 -6.05
C ILE B 498 -11.23 15.93 -4.60
N THR B 499 -10.63 14.97 -3.91
CA THR B 499 -10.29 15.10 -2.48
C THR B 499 -8.77 15.07 -2.37
N GLY B 500 -8.22 15.94 -1.55
CA GLY B 500 -6.78 16.07 -1.35
C GLY B 500 -6.46 16.18 0.10
N LEU B 501 -5.29 15.68 0.48
CA LEU B 501 -4.72 15.92 1.83
C LEU B 501 -3.21 15.76 1.74
N ILE B 502 -2.53 16.32 2.72
CA ILE B 502 -1.08 16.09 2.87
C ILE B 502 -0.96 14.93 3.84
N GLU B 503 -0.42 13.81 3.38
CA GLU B 503 -0.09 12.67 4.28
C GLU B 503 1.22 12.04 3.79
N GLY B 504 2.05 11.67 4.76
CA GLY B 504 3.39 11.15 4.47
C GLY B 504 4.24 12.17 3.74
N GLY B 505 4.02 13.46 4.02
CA GLY B 505 4.77 14.61 3.46
C GLY B 505 4.48 14.79 1.99
N GLU B 506 3.39 14.22 1.50
CA GLU B 506 3.04 14.25 0.06
C GLU B 506 1.61 14.75 -0.11
N LEU B 507 1.38 15.62 -1.10
CA LEU B 507 -0.01 15.94 -1.52
C LEU B 507 -0.54 14.75 -2.29
N VAL B 508 -1.61 14.14 -1.79
CA VAL B 508 -2.31 13.00 -2.42
C VAL B 508 -3.68 13.51 -2.84
N LEU B 509 -3.93 13.55 -4.15
CA LEU B 509 -5.23 13.96 -4.71
C LEU B 509 -5.93 12.76 -5.33
N THR B 510 -7.17 12.54 -4.93
CA THR B 510 -8.00 11.46 -5.50
C THR B 510 -9.11 12.06 -6.35
N PHE B 511 -9.22 11.54 -7.58
CA PHE B 511 -10.35 11.77 -8.51
C PHE B 511 -11.29 10.58 -8.38
N SER B 512 -12.44 10.77 -7.74
CA SER B 512 -13.50 9.76 -7.60
C SER B 512 -14.61 10.01 -8.62
N TYR B 513 -14.94 8.98 -9.39
CA TYR B 513 -15.91 9.08 -10.50
C TYR B 513 -16.67 7.76 -10.60
N SER B 514 -17.91 7.83 -11.09
CA SER B 514 -18.71 6.64 -11.45
C SER B 514 -18.19 6.09 -12.78
N SER B 515 -17.90 4.79 -12.81
CA SER B 515 -17.50 4.06 -14.03
C SER B 515 -18.69 3.98 -14.98
N GLU B 516 -19.90 4.25 -14.50
CA GLU B 516 -21.10 4.36 -15.37
C GLU B 516 -21.11 5.70 -16.14
N GLN B 517 -20.32 6.71 -15.73
CA GLN B 517 -20.39 8.08 -16.30
C GLN B 517 -19.14 8.42 -17.09
N TYR B 518 -17.99 7.85 -16.74
CA TYR B 518 -16.70 8.18 -17.40
C TYR B 518 -15.91 6.91 -17.66
N ARG B 519 -15.26 6.86 -18.83
CA ARG B 519 -14.15 5.92 -19.13
C ARG B 519 -12.99 6.26 -18.20
N GLU B 520 -12.24 5.25 -17.81
CA GLU B 520 -11.04 5.41 -16.97
C GLU B 520 -10.03 6.32 -17.70
N GLU B 521 -9.91 6.19 -19.01
CA GLU B 521 -8.98 7.01 -19.83
C GLU B 521 -9.32 8.51 -19.71
N SER B 522 -10.59 8.86 -19.69
CA SER B 522 -11.05 10.26 -19.52
C SER B 522 -10.47 10.83 -18.22
N ILE B 523 -10.57 10.08 -17.11
CA ILE B 523 -10.13 10.57 -15.77
C ILE B 523 -8.60 10.53 -15.67
N GLN B 524 -7.96 9.57 -16.35
CA GLN B 524 -6.48 9.53 -16.53
C GLN B 524 -6.02 10.88 -17.12
N GLN B 525 -6.69 11.38 -18.15
CA GLN B 525 -6.28 12.64 -18.84
C GLN B 525 -6.47 13.83 -17.90
N LEU B 526 -7.59 13.88 -17.19
CA LEU B 526 -7.88 15.02 -16.29
C LEU B 526 -6.87 15.05 -15.15
N SER B 527 -6.64 13.89 -14.51
CA SER B 527 -5.74 13.76 -13.35
C SER B 527 -4.29 14.04 -13.77
N GLN B 528 -3.85 13.52 -14.91
CA GLN B 528 -2.49 13.85 -15.42
C GLN B 528 -2.39 15.34 -15.75
N SER B 529 -3.43 15.91 -16.38
CA SER B 529 -3.43 17.36 -16.69
C SER B 529 -3.27 18.15 -15.40
N TYR B 530 -4.05 17.81 -14.37
CA TYR B 530 -4.00 18.49 -13.05
C TYR B 530 -2.57 18.41 -12.50
N GLN B 531 -2.01 17.20 -12.47
CA GLN B 531 -0.65 17.02 -11.93
C GLN B 531 0.32 17.94 -12.69
N LYS B 532 0.29 17.87 -14.02
CA LYS B 532 1.24 18.67 -14.87
C LYS B 532 1.07 20.16 -14.57
N HIS B 533 -0.16 20.67 -14.57
CA HIS B 533 -0.42 22.11 -14.29
C HIS B 533 0.01 22.48 -12.88
N LEU B 534 -0.25 21.65 -11.86
CA LEU B 534 0.15 22.07 -10.49
C LEU B 534 1.68 22.08 -10.41
N LEU B 535 2.35 21.06 -10.94
CA LEU B 535 3.84 21.03 -11.02
C LEU B 535 4.34 22.30 -11.74
N ALA B 536 3.72 22.69 -12.84
CA ALA B 536 4.11 23.90 -13.62
C ALA B 536 3.91 25.16 -12.74
N ILE B 537 2.77 25.28 -12.05
CA ILE B 537 2.49 26.40 -11.09
C ILE B 537 3.57 26.44 -10.01
N ILE B 538 3.94 25.29 -9.42
CA ILE B 538 4.94 25.23 -8.32
C ILE B 538 6.30 25.70 -8.87
N ALA B 539 6.75 25.17 -10.02
CA ALA B 539 8.08 25.54 -10.58
C ALA B 539 8.06 27.04 -10.92
N HIS B 540 6.97 27.54 -11.48
CA HIS B 540 6.83 28.97 -11.84
C HIS B 540 6.96 29.86 -10.59
N CYS B 541 6.33 29.50 -9.47
CA CYS B 541 6.22 30.39 -8.28
C CYS B 541 7.48 30.34 -7.46
N THR B 542 8.28 29.26 -7.58
CA THR B 542 9.52 29.07 -6.79
C THR B 542 10.77 29.21 -7.66
N GLU B 543 10.66 29.06 -8.98
CA GLU B 543 11.79 29.26 -9.91
C GLU B 543 12.09 30.77 -9.98
N LYS B 544 11.08 31.63 -9.73
CA LYS B 544 11.19 33.10 -9.94
C LYS B 544 11.46 33.79 -8.59
#